data_2KXN
#
_entry.id   2KXN
#
_cell.length_a   1.000
_cell.length_b   1.000
_cell.length_c   1.000
_cell.angle_alpha   90.00
_cell.angle_beta   90.00
_cell.angle_gamma   90.00
#
_symmetry.space_group_name_H-M   'P 1'
#
loop_
_entity.id
_entity.type
_entity.pdbx_description
1 polymer "5'-R(*AP*AP*GP*AP*AP*C)-3'"
2 polymer 'Transformer-2 protein homolog beta'
#
loop_
_entity_poly.entity_id
_entity_poly.type
_entity_poly.pdbx_seq_one_letter_code
_entity_poly.pdbx_strand_id
1 'polyribonucleotide' AAGAAC A
2 'polypeptide(L)'
;MGSSHHHHHHSSGLVPRGSHMASMTGGQQMGRGSRHVGNRANPDPNCCLGVFGLSLYTTERDLREVFSKYGPIADVSIVY
DQQSRRSRGFAFVYFENVDDAKEAKERANGMELDGRRIRVDFSITKRPH
;
B
#
loop_
_chem_comp.id
_chem_comp.type
_chem_comp.name
_chem_comp.formula
A RNA linking ADENOSINE-5'-MONOPHOSPHATE 'C10 H14 N5 O7 P'
C RNA linking CYTIDINE-5'-MONOPHOSPHATE 'C9 H14 N3 O8 P'
G RNA linking GUANOSINE-5'-MONOPHOSPHATE 'C10 H14 N5 O8 P'
#
# COMPACT_ATOMS: atom_id res chain seq x y z
N ARG B 35 -23.96 -0.25 19.47
CA ARG B 35 -23.34 0.17 18.20
C ARG B 35 -22.02 -0.58 17.98
N HIS B 36 -21.50 -0.53 16.76
CA HIS B 36 -20.25 -1.20 16.39
C HIS B 36 -19.58 -0.44 15.24
N VAL B 37 -18.31 -0.75 14.98
CA VAL B 37 -17.52 -0.08 13.95
C VAL B 37 -16.57 -1.06 13.27
N GLY B 38 -15.90 -0.61 12.20
CA GLY B 38 -14.97 -1.45 11.45
C GLY B 38 -14.01 -0.60 10.61
N ASN B 39 -13.94 0.70 10.87
CA ASN B 39 -13.07 1.62 10.15
C ASN B 39 -12.56 2.72 11.08
N ARG B 40 -11.70 3.57 10.52
CA ARG B 40 -11.03 4.65 11.26
C ARG B 40 -10.98 5.94 10.43
N ALA B 41 -11.37 5.87 9.16
CA ALA B 41 -11.33 7.01 8.26
C ALA B 41 -12.33 6.83 7.11
N ASN B 42 -12.37 7.80 6.21
CA ASN B 42 -13.32 7.85 5.09
C ASN B 42 -13.30 6.56 4.26
N PRO B 43 -14.39 5.78 4.27
CA PRO B 43 -14.54 4.53 3.55
C PRO B 43 -14.81 4.77 2.06
N ASP B 44 -13.95 5.55 1.40
CA ASP B 44 -14.14 5.92 0.00
C ASP B 44 -12.87 5.77 -0.84
N PRO B 45 -12.23 4.59 -0.84
CA PRO B 45 -11.05 4.32 -1.64
C PRO B 45 -11.43 4.19 -3.11
N ASN B 46 -10.46 4.40 -4.01
CA ASN B 46 -10.68 4.26 -5.44
C ASN B 46 -9.36 4.07 -6.22
N CYS B 47 -8.24 4.52 -5.66
CA CYS B 47 -6.94 4.43 -6.31
C CYS B 47 -5.82 4.17 -5.29
N CYS B 48 -6.16 4.08 -4.00
CA CYS B 48 -5.17 3.91 -2.94
C CYS B 48 -4.80 2.45 -2.73
N LEU B 49 -4.02 1.89 -3.65
CA LEU B 49 -3.50 0.56 -3.44
C LEU B 49 -2.50 0.67 -2.28
N GLY B 50 -1.86 -0.42 -1.89
CA GLY B 50 -0.86 -0.31 -0.84
C GLY B 50 -0.25 -1.64 -0.46
N VAL B 51 0.67 -1.58 0.50
CA VAL B 51 1.42 -2.73 1.00
C VAL B 51 1.32 -2.71 2.51
N PHE B 52 0.16 -3.11 3.00
CA PHE B 52 -0.14 -3.08 4.43
C PHE B 52 0.65 -4.21 5.11
N GLY B 53 1.27 -3.90 6.25
CA GLY B 53 2.13 -4.85 6.94
C GLY B 53 3.26 -5.34 6.03
N LEU B 54 3.96 -4.40 5.37
CA LEU B 54 5.07 -4.66 4.45
C LEU B 54 6.30 -5.31 5.09
N SER B 55 6.08 -6.12 6.13
CA SER B 55 7.07 -6.91 6.82
C SER B 55 7.95 -6.09 7.75
N LEU B 56 7.85 -4.77 7.62
CA LEU B 56 8.63 -3.79 8.35
C LEU B 56 10.14 -3.98 8.09
N TYR B 57 10.48 -4.64 6.99
CA TYR B 57 11.86 -4.83 6.55
C TYR B 57 12.03 -4.45 5.07
N THR B 58 11.08 -3.71 4.53
CA THR B 58 11.11 -3.22 3.15
C THR B 58 10.67 -1.77 3.12
N THR B 59 11.03 -1.04 2.06
CA THR B 59 10.72 0.38 1.93
C THR B 59 10.18 0.72 0.55
N GLU B 60 9.64 1.94 0.45
CA GLU B 60 8.93 2.41 -0.73
C GLU B 60 9.81 2.51 -1.97
N ARG B 61 11.14 2.51 -1.79
CA ARG B 61 12.08 2.53 -2.90
C ARG B 61 12.25 1.13 -3.49
N ASP B 62 11.94 0.11 -2.72
CA ASP B 62 11.95 -1.28 -3.18
C ASP B 62 10.59 -1.66 -3.72
N LEU B 63 9.53 -1.18 -3.08
CA LEU B 63 8.17 -1.51 -3.44
C LEU B 63 7.77 -0.80 -4.73
N ARG B 64 8.41 0.34 -5.04
CA ARG B 64 8.10 1.07 -6.26
C ARG B 64 8.57 0.31 -7.49
N GLU B 65 9.59 -0.54 -7.32
CA GLU B 65 10.16 -1.27 -8.45
C GLU B 65 9.31 -2.48 -8.80
N VAL B 66 8.88 -3.22 -7.79
CA VAL B 66 8.14 -4.44 -8.03
C VAL B 66 6.72 -4.14 -8.50
N PHE B 67 6.20 -2.97 -8.15
CA PHE B 67 4.87 -2.60 -8.59
C PHE B 67 4.93 -1.97 -9.98
N SER B 68 6.07 -1.35 -10.31
CA SER B 68 6.29 -0.78 -11.63
C SER B 68 6.32 -1.87 -12.71
N LYS B 69 6.46 -3.14 -12.31
CA LYS B 69 6.45 -4.25 -13.26
C LYS B 69 5.04 -4.52 -13.78
N TYR B 70 4.03 -4.10 -13.01
CA TYR B 70 2.64 -4.34 -13.36
C TYR B 70 1.96 -3.12 -13.98
N GLY B 71 2.62 -1.96 -13.97
CA GLY B 71 2.08 -0.73 -14.55
C GLY B 71 2.83 0.49 -14.06
N PRO B 72 2.47 1.68 -14.56
CA PRO B 72 3.10 2.93 -14.16
C PRO B 72 2.67 3.28 -12.73
N ILE B 73 3.50 4.03 -12.01
CA ILE B 73 3.27 4.36 -10.61
C ILE B 73 3.15 5.87 -10.45
N ALA B 74 2.11 6.33 -9.74
CA ALA B 74 1.89 7.74 -9.51
C ALA B 74 2.67 8.20 -8.28
N ASP B 75 2.51 7.46 -7.18
CA ASP B 75 3.16 7.77 -5.91
C ASP B 75 3.28 6.53 -5.04
N VAL B 76 3.99 6.66 -3.92
CA VAL B 76 4.16 5.60 -2.95
C VAL B 76 4.37 6.24 -1.58
N SER B 77 4.00 5.54 -0.50
CA SER B 77 4.10 6.08 0.85
C SER B 77 4.29 4.95 1.86
N ILE B 78 5.00 5.25 2.96
CA ILE B 78 5.10 4.38 4.12
C ILE B 78 4.94 5.23 5.36
N VAL B 79 4.06 4.81 6.26
CA VAL B 79 3.74 5.59 7.44
C VAL B 79 4.10 4.87 8.74
N TYR B 80 4.39 5.71 9.73
CA TYR B 80 4.88 5.37 11.06
C TYR B 80 4.06 6.18 12.08
N ASP B 81 4.39 6.12 13.37
CA ASP B 81 3.69 6.97 14.32
C ASP B 81 4.39 8.31 14.49
N GLN B 82 3.67 9.21 15.17
CA GLN B 82 4.05 10.57 15.40
C GLN B 82 4.96 10.75 16.61
N GLN B 83 4.91 9.83 17.58
CA GLN B 83 5.62 9.99 18.83
C GLN B 83 6.35 8.73 19.30
N SER B 84 5.60 7.66 19.54
CA SER B 84 6.14 6.46 20.19
C SER B 84 5.35 5.21 19.76
N ARG B 85 5.35 4.17 20.61
CA ARG B 85 4.69 2.90 20.34
C ARG B 85 5.19 2.26 19.04
N ARG B 86 6.42 2.61 18.64
CA ARG B 86 7.05 2.18 17.41
C ARG B 86 6.23 2.47 16.17
N SER B 87 6.80 2.11 15.02
CA SER B 87 6.23 2.31 13.71
C SER B 87 4.89 1.59 13.54
N ARG B 88 3.97 2.21 12.81
CA ARG B 88 2.74 1.56 12.38
C ARG B 88 3.09 0.56 11.29
N GLY B 89 4.25 0.77 10.66
CA GLY B 89 4.91 -0.18 9.79
C GLY B 89 4.12 -0.58 8.54
N PHE B 90 3.43 0.35 7.89
CA PHE B 90 2.69 -0.02 6.69
C PHE B 90 2.69 1.07 5.64
N ALA B 91 2.20 0.73 4.45
CA ALA B 91 2.38 1.58 3.30
C ALA B 91 1.14 1.69 2.41
N PHE B 92 1.22 2.65 1.50
CA PHE B 92 0.22 2.85 0.46
C PHE B 92 0.94 3.06 -0.88
N VAL B 93 0.23 2.83 -1.98
CA VAL B 93 0.76 2.94 -3.34
C VAL B 93 -0.32 3.52 -4.23
N TYR B 94 0.09 4.26 -5.26
CA TYR B 94 -0.83 4.92 -6.17
C TYR B 94 -0.38 4.71 -7.60
N PHE B 95 -1.35 4.69 -8.53
CA PHE B 95 -1.11 4.40 -9.93
C PHE B 95 -1.74 5.48 -10.80
N GLU B 96 -1.21 5.67 -12.01
CA GLU B 96 -1.67 6.71 -12.91
C GLU B 96 -2.89 6.24 -13.69
N ASN B 97 -3.04 4.92 -13.78
CA ASN B 97 -4.15 4.26 -14.43
C ASN B 97 -4.55 3.02 -13.65
N VAL B 98 -5.86 2.83 -13.47
CA VAL B 98 -6.39 1.70 -12.73
C VAL B 98 -6.88 0.62 -13.71
N ASP B 99 -6.94 0.98 -15.00
CA ASP B 99 -7.25 0.04 -16.06
C ASP B 99 -6.15 -1.03 -16.16
N ASP B 100 -5.06 -0.86 -15.41
CA ASP B 100 -3.96 -1.82 -15.38
C ASP B 100 -3.48 -2.05 -13.94
N ALA B 101 -3.68 -1.08 -13.04
CA ALA B 101 -3.32 -1.27 -11.64
C ALA B 101 -4.21 -2.34 -10.99
N LYS B 102 -5.36 -2.65 -11.59
CA LYS B 102 -6.25 -3.67 -11.06
C LYS B 102 -5.57 -5.04 -11.03
N GLU B 103 -4.66 -5.29 -11.98
CA GLU B 103 -3.93 -6.54 -12.03
C GLU B 103 -2.74 -6.50 -11.06
N ALA B 104 -2.15 -5.32 -10.86
CA ALA B 104 -1.05 -5.19 -9.92
C ALA B 104 -1.52 -5.54 -8.50
N LYS B 105 -2.82 -5.38 -8.24
CA LYS B 105 -3.43 -5.68 -6.96
C LYS B 105 -3.62 -7.18 -6.84
N GLU B 106 -4.21 -7.77 -7.87
CA GLU B 106 -4.59 -9.18 -7.84
C GLU B 106 -3.36 -10.10 -7.90
N ARG B 107 -2.27 -9.65 -8.51
CA ARG B 107 -1.06 -10.46 -8.67
C ARG B 107 -0.16 -10.37 -7.44
N ALA B 108 0.07 -9.16 -6.95
CA ALA B 108 1.04 -8.93 -5.88
C ALA B 108 0.45 -9.21 -4.49
N ASN B 109 -0.84 -9.51 -4.38
CA ASN B 109 -1.43 -9.83 -3.09
C ASN B 109 -0.84 -11.13 -2.55
N GLY B 110 -0.51 -11.16 -1.26
CA GLY B 110 0.05 -12.33 -0.60
C GLY B 110 1.39 -12.76 -1.19
N MET B 111 2.03 -11.94 -2.03
CA MET B 111 3.33 -12.28 -2.57
C MET B 111 4.35 -12.50 -1.46
N GLU B 112 5.45 -13.19 -1.77
CA GLU B 112 6.50 -13.41 -0.81
C GLU B 112 7.46 -12.23 -0.86
N LEU B 113 7.84 -11.75 0.32
CA LEU B 113 8.75 -10.62 0.48
C LEU B 113 9.61 -10.78 1.73
N ASP B 114 9.05 -11.44 2.74
CA ASP B 114 9.74 -11.79 3.97
C ASP B 114 9.17 -13.12 4.49
N GLY B 115 8.39 -13.81 3.66
CA GLY B 115 7.71 -15.05 4.03
C GLY B 115 6.38 -14.79 4.72
N ARG B 116 5.93 -13.53 4.75
CA ARG B 116 4.76 -13.13 5.52
C ARG B 116 3.46 -13.17 4.72
N ARG B 117 3.53 -13.36 3.40
CA ARG B 117 2.39 -13.23 2.51
C ARG B 117 1.68 -11.90 2.77
N ILE B 118 2.33 -10.83 2.29
CA ILE B 118 1.97 -9.44 2.56
C ILE B 118 0.60 -9.07 2.01
N ARG B 119 0.07 -7.92 2.41
CA ARG B 119 -1.23 -7.46 1.96
C ARG B 119 -1.05 -6.43 0.85
N VAL B 120 -1.70 -6.62 -0.30
CA VAL B 120 -1.58 -5.68 -1.41
C VAL B 120 -2.91 -5.50 -2.12
N ASP B 121 -3.47 -4.30 -2.00
CA ASP B 121 -4.76 -3.91 -2.58
C ASP B 121 -5.15 -2.51 -2.12
N PHE B 122 -6.41 -2.11 -2.34
CA PHE B 122 -6.91 -0.83 -1.84
C PHE B 122 -6.68 -0.74 -0.33
N SER B 123 -6.58 0.49 0.21
CA SER B 123 -6.28 0.67 1.62
C SER B 123 -7.44 1.26 2.41
N ILE B 124 -7.99 2.38 1.94
CA ILE B 124 -9.07 3.21 2.50
C ILE B 124 -8.58 4.66 2.55
N THR B 125 -9.45 5.60 2.94
CA THR B 125 -9.16 7.01 3.16
C THR B 125 -8.31 7.67 2.05
N LYS B 126 -8.37 7.11 0.83
CA LYS B 126 -7.67 7.53 -0.37
C LYS B 126 -6.25 8.08 -0.18
N ARG B 127 -6.08 9.32 0.30
CA ARG B 127 -4.78 9.99 0.32
C ARG B 127 -4.41 10.42 1.74
N PRO B 128 -3.16 10.86 1.96
CA PRO B 128 -2.67 11.25 3.26
C PRO B 128 -3.48 12.38 3.89
N HIS B 129 -3.39 12.43 5.22
CA HIS B 129 -4.00 13.35 6.17
C HIS B 129 -3.92 14.82 5.71
N ARG B 35 -17.16 13.46 0.94
CA ARG B 35 -16.58 12.68 2.06
C ARG B 35 -15.14 12.27 1.74
N HIS B 36 -14.37 11.96 2.78
CA HIS B 36 -12.96 11.59 2.64
C HIS B 36 -12.57 10.49 3.62
N VAL B 37 -13.54 9.94 4.35
CA VAL B 37 -13.32 8.88 5.33
C VAL B 37 -14.50 7.93 5.35
N GLY B 38 -14.35 6.78 6.03
CA GLY B 38 -15.40 5.77 6.11
C GLY B 38 -14.89 4.50 6.78
N ASN B 39 -15.74 3.47 6.79
CA ASN B 39 -15.40 2.16 7.32
C ASN B 39 -14.13 1.61 6.67
N ARG B 40 -13.45 0.77 7.44
CA ARG B 40 -12.20 0.10 7.10
C ARG B 40 -12.47 -1.05 6.13
N ALA B 41 -13.25 -0.75 5.09
CA ALA B 41 -13.63 -1.69 4.05
C ALA B 41 -13.74 -1.02 2.68
N ASN B 42 -13.19 0.20 2.54
CA ASN B 42 -13.17 0.93 1.28
C ASN B 42 -14.56 1.15 0.67
N PRO B 43 -15.49 1.75 1.43
CA PRO B 43 -16.86 1.99 1.00
C PRO B 43 -16.97 3.10 -0.05
N ASP B 44 -15.84 3.57 -0.60
CA ASP B 44 -15.82 4.65 -1.57
C ASP B 44 -14.68 4.44 -2.58
N PRO B 45 -14.85 4.85 -3.85
CA PRO B 45 -13.82 4.76 -4.88
C PRO B 45 -12.47 5.33 -4.43
N ASN B 46 -11.40 4.96 -5.13
CA ASN B 46 -10.05 5.36 -4.77
C ASN B 46 -9.15 5.40 -6.00
N CYS B 47 -7.97 6.01 -5.88
CA CYS B 47 -6.98 6.16 -6.93
C CYS B 47 -5.58 5.84 -6.39
N CYS B 48 -5.50 5.34 -5.16
CA CYS B 48 -4.26 4.95 -4.53
C CYS B 48 -4.43 3.63 -3.82
N LEU B 49 -3.38 2.81 -3.83
CA LEU B 49 -3.35 1.51 -3.19
C LEU B 49 -2.25 1.57 -2.13
N GLY B 50 -1.89 0.42 -1.55
CA GLY B 50 -0.81 0.39 -0.58
C GLY B 50 -0.51 -1.01 -0.08
N VAL B 51 0.44 -1.07 0.85
CA VAL B 51 0.94 -2.30 1.44
C VAL B 51 0.74 -2.24 2.94
N PHE B 52 -0.52 -2.43 3.34
CA PHE B 52 -0.99 -2.38 4.72
C PHE B 52 -0.57 -3.66 5.43
N GLY B 53 -0.53 -3.65 6.75
CA GLY B 53 -0.24 -4.85 7.51
C GLY B 53 0.84 -4.64 8.56
N LEU B 54 1.12 -5.71 9.31
CA LEU B 54 2.22 -5.76 10.25
C LEU B 54 3.53 -6.10 9.53
N SER B 55 3.63 -5.77 8.23
CA SER B 55 4.85 -5.94 7.46
C SER B 55 5.80 -4.78 7.75
N LEU B 56 6.20 -4.70 9.02
CA LEU B 56 6.93 -3.61 9.63
C LEU B 56 8.37 -3.44 9.12
N TYR B 57 8.68 -3.84 7.89
CA TYR B 57 10.03 -3.74 7.36
C TYR B 57 10.05 -3.22 5.92
N THR B 58 8.89 -2.90 5.34
CA THR B 58 8.83 -2.36 3.98
C THR B 58 9.40 -0.94 3.94
N THR B 59 9.89 -0.51 2.77
CA THR B 59 10.48 0.80 2.55
C THR B 59 10.11 1.29 1.15
N GLU B 60 10.05 2.62 0.94
CA GLU B 60 9.62 3.23 -0.30
C GLU B 60 10.40 2.72 -1.52
N ARG B 61 11.67 2.38 -1.34
CA ARG B 61 12.53 1.91 -2.42
C ARG B 61 12.09 0.55 -2.93
N ASP B 62 11.60 -0.30 -2.04
CA ASP B 62 11.12 -1.63 -2.40
C ASP B 62 9.84 -1.54 -3.19
N LEU B 63 8.91 -0.69 -2.74
CA LEU B 63 7.61 -0.53 -3.33
C LEU B 63 7.72 -0.02 -4.76
N ARG B 64 8.75 0.80 -5.01
CA ARG B 64 8.95 1.38 -6.34
C ARG B 64 9.24 0.29 -7.37
N GLU B 65 9.77 -0.85 -6.95
CA GLU B 65 10.13 -1.92 -7.87
C GLU B 65 9.07 -3.00 -7.90
N VAL B 66 8.44 -3.25 -6.75
CA VAL B 66 7.48 -4.32 -6.65
C VAL B 66 6.16 -3.93 -7.29
N PHE B 67 6.01 -2.67 -7.69
CA PHE B 67 4.82 -2.24 -8.39
C PHE B 67 5.11 -1.59 -9.73
N SER B 68 6.27 -0.94 -9.91
CA SER B 68 6.59 -0.35 -11.21
C SER B 68 6.73 -1.42 -12.30
N LYS B 69 6.87 -2.69 -11.92
CA LYS B 69 6.98 -3.78 -12.88
C LYS B 69 5.59 -4.22 -13.38
N TYR B 70 4.57 -4.04 -12.55
CA TYR B 70 3.21 -4.42 -12.92
C TYR B 70 2.49 -3.28 -13.65
N GLY B 71 3.05 -2.08 -13.65
CA GLY B 71 2.46 -0.92 -14.31
C GLY B 71 3.14 0.37 -13.87
N PRO B 72 2.69 1.52 -14.38
CA PRO B 72 3.23 2.82 -14.03
C PRO B 72 2.87 3.19 -12.61
N ILE B 73 3.57 4.19 -12.05
CA ILE B 73 3.37 4.63 -10.68
C ILE B 73 3.22 6.16 -10.66
N ALA B 74 2.31 6.68 -9.83
CA ALA B 74 2.16 8.12 -9.65
C ALA B 74 3.05 8.59 -8.49
N ASP B 75 3.03 7.85 -7.38
CA ASP B 75 3.86 8.17 -6.22
C ASP B 75 3.95 6.98 -5.25
N VAL B 76 4.60 7.20 -4.10
CA VAL B 76 4.73 6.21 -3.05
C VAL B 76 4.79 6.94 -1.70
N SER B 77 4.40 6.25 -0.62
CA SER B 77 4.35 6.81 0.71
C SER B 77 4.52 5.71 1.76
N ILE B 78 4.99 6.07 2.97
CA ILE B 78 5.04 5.14 4.08
C ILE B 78 4.58 5.79 5.37
N VAL B 79 3.94 4.97 6.21
CA VAL B 79 3.44 5.27 7.54
C VAL B 79 4.06 4.20 8.45
N TYR B 80 5.39 4.26 8.54
CA TYR B 80 6.24 3.20 9.06
C TYR B 80 6.09 2.75 10.50
N ASP B 81 6.81 1.67 10.87
CA ASP B 81 6.69 0.96 12.11
C ASP B 81 7.16 1.69 13.35
N GLN B 82 6.52 1.29 14.45
CA GLN B 82 6.63 1.82 15.78
C GLN B 82 7.87 1.30 16.53
N GLN B 83 8.74 0.55 15.86
CA GLN B 83 9.91 -0.04 16.49
C GLN B 83 10.81 1.05 17.07
N SER B 84 11.21 1.96 16.19
CA SER B 84 12.00 3.13 16.53
C SER B 84 11.81 4.22 15.46
N ARG B 85 10.71 4.16 14.71
CA ARG B 85 10.48 5.01 13.56
C ARG B 85 9.07 5.60 13.54
N ARG B 86 8.46 5.82 14.71
CA ARG B 86 7.13 6.43 14.81
C ARG B 86 6.11 5.76 13.91
N SER B 87 5.15 6.55 13.46
CA SER B 87 4.06 6.19 12.58
C SER B 87 3.34 4.90 12.97
N ARG B 88 3.02 4.00 12.03
CA ARG B 88 2.15 2.86 12.33
C ARG B 88 2.73 1.50 11.93
N GLY B 89 3.09 1.28 10.66
CA GLY B 89 3.69 0.03 10.24
C GLY B 89 3.48 -0.36 8.77
N PHE B 90 2.92 0.52 7.93
CA PHE B 90 2.59 0.16 6.55
C PHE B 90 2.92 1.29 5.56
N ALA B 91 2.41 1.17 4.33
CA ALA B 91 2.74 2.07 3.25
C ALA B 91 1.59 2.24 2.26
N PHE B 92 1.83 3.10 1.26
CA PHE B 92 0.90 3.34 0.18
C PHE B 92 1.67 3.53 -1.13
N VAL B 93 0.97 3.33 -2.25
CA VAL B 93 1.51 3.51 -3.58
C VAL B 93 0.42 4.12 -4.45
N TYR B 94 0.68 5.29 -5.04
CA TYR B 94 -0.32 5.99 -5.82
C TYR B 94 -0.21 5.55 -7.29
N PHE B 95 -1.34 5.54 -8.01
CA PHE B 95 -1.35 5.11 -9.40
C PHE B 95 -2.08 6.11 -10.28
N GLU B 96 -1.91 5.96 -11.59
CA GLU B 96 -2.49 6.85 -12.59
C GLU B 96 -3.20 6.07 -13.70
N ASN B 97 -3.20 4.74 -13.58
CA ASN B 97 -3.79 3.84 -14.56
C ASN B 97 -4.41 2.65 -13.85
N VAL B 98 -5.27 2.95 -12.88
CA VAL B 98 -5.99 1.94 -12.12
C VAL B 98 -6.72 0.95 -13.03
N ASP B 99 -6.98 1.34 -14.29
CA ASP B 99 -7.62 0.47 -15.26
C ASP B 99 -6.77 -0.78 -15.52
N ASP B 100 -5.50 -0.77 -15.06
CA ASP B 100 -4.60 -1.90 -15.16
C ASP B 100 -3.80 -2.07 -13.87
N ALA B 101 -3.71 -1.05 -13.01
CA ALA B 101 -3.03 -1.19 -11.74
C ALA B 101 -3.83 -2.11 -10.80
N LYS B 102 -5.10 -2.39 -11.15
CA LYS B 102 -5.90 -3.33 -10.40
C LYS B 102 -5.32 -4.75 -10.48
N GLU B 103 -4.56 -5.03 -11.54
CA GLU B 103 -3.88 -6.32 -11.65
C GLU B 103 -2.71 -6.35 -10.68
N ALA B 104 -2.02 -5.21 -10.49
CA ALA B 104 -0.90 -5.13 -9.56
C ALA B 104 -1.39 -5.29 -8.12
N LYS B 105 -2.68 -5.06 -7.88
CA LYS B 105 -3.27 -5.15 -6.55
C LYS B 105 -3.41 -6.62 -6.19
N GLU B 106 -4.08 -7.35 -7.07
CA GLU B 106 -4.47 -8.72 -6.81
C GLU B 106 -3.27 -9.66 -6.86
N ARG B 107 -2.23 -9.30 -7.61
CA ARG B 107 -1.01 -10.10 -7.74
C ARG B 107 -0.13 -9.97 -6.51
N ALA B 108 0.10 -8.73 -6.08
CA ALA B 108 1.01 -8.44 -4.98
C ALA B 108 0.35 -8.67 -3.62
N ASN B 109 -0.94 -8.99 -3.57
CA ASN B 109 -1.62 -9.23 -2.31
C ASN B 109 -1.23 -10.58 -1.70
N GLY B 110 -1.12 -10.63 -0.38
CA GLY B 110 -0.88 -11.86 0.37
C GLY B 110 0.51 -12.48 0.18
N MET B 111 1.33 -11.92 -0.74
CA MET B 111 2.65 -12.48 -1.01
C MET B 111 3.60 -12.31 0.18
N GLU B 112 4.69 -13.07 0.19
CA GLU B 112 5.75 -12.94 1.18
C GLU B 112 6.79 -11.98 0.60
N LEU B 113 7.07 -10.90 1.34
CA LEU B 113 7.93 -9.83 0.86
C LEU B 113 8.84 -9.28 1.97
N ASP B 114 8.55 -9.65 3.22
CA ASP B 114 9.27 -9.12 4.37
C ASP B 114 9.43 -10.21 5.45
N GLY B 115 8.96 -11.43 5.16
CA GLY B 115 9.03 -12.54 6.10
C GLY B 115 7.78 -12.66 6.96
N ARG B 116 6.74 -11.86 6.68
CA ARG B 116 5.52 -11.84 7.47
C ARG B 116 4.27 -11.80 6.59
N ARG B 117 4.48 -11.75 5.27
CA ARG B 117 3.45 -11.56 4.26
C ARG B 117 2.83 -10.17 4.38
N ILE B 118 2.05 -9.78 3.38
CA ILE B 118 1.56 -8.42 3.25
C ILE B 118 0.12 -8.39 2.77
N ARG B 119 -0.46 -7.19 2.69
CA ARG B 119 -1.79 -6.98 2.15
C ARG B 119 -1.74 -5.80 1.19
N VAL B 120 -2.41 -5.93 0.04
CA VAL B 120 -2.32 -4.92 -1.01
C VAL B 120 -3.69 -4.62 -1.59
N ASP B 121 -4.11 -3.35 -1.50
CA ASP B 121 -5.42 -2.92 -1.96
C ASP B 121 -5.54 -1.40 -1.88
N PHE B 122 -6.70 -0.88 -2.29
CA PHE B 122 -7.06 0.52 -2.06
C PHE B 122 -6.83 0.87 -0.60
N SER B 123 -6.34 2.08 -0.33
CA SER B 123 -5.91 2.48 1.00
C SER B 123 -7.04 2.94 1.93
N ILE B 124 -8.27 3.03 1.44
CA ILE B 124 -9.47 3.41 2.19
C ILE B 124 -9.52 4.91 2.50
N THR B 125 -8.38 5.54 2.81
CA THR B 125 -8.33 6.96 3.13
C THR B 125 -8.07 7.80 1.88
N LYS B 126 -7.81 7.13 0.75
CA LYS B 126 -7.62 7.72 -0.58
C LYS B 126 -6.40 8.63 -0.71
N ARG B 127 -5.90 9.21 0.40
CA ARG B 127 -4.74 10.06 0.42
C ARG B 127 -4.32 10.30 1.88
N PRO B 128 -3.18 10.95 2.13
CA PRO B 128 -2.70 11.21 3.48
C PRO B 128 -3.67 12.05 4.30
N HIS B 129 -3.52 11.91 5.61
CA HIS B 129 -4.26 12.55 6.70
C HIS B 129 -4.52 14.05 6.46
N ARG B 35 -10.76 3.21 19.89
CA ARG B 35 -11.18 3.81 18.60
C ARG B 35 -12.68 3.60 18.40
N HIS B 36 -13.43 4.71 18.41
CA HIS B 36 -14.89 4.69 18.34
C HIS B 36 -15.42 5.86 17.52
N VAL B 37 -14.58 6.41 16.63
CA VAL B 37 -14.90 7.58 15.83
C VAL B 37 -14.54 7.37 14.36
N GLY B 38 -14.36 6.12 13.95
CA GLY B 38 -14.02 5.77 12.58
C GLY B 38 -14.22 4.28 12.32
N ASN B 39 -14.02 3.85 11.08
CA ASN B 39 -14.22 2.47 10.68
C ASN B 39 -13.31 2.14 9.50
N ARG B 40 -13.19 0.84 9.16
CA ARG B 40 -12.32 0.38 8.10
C ARG B 40 -12.82 -0.94 7.53
N ALA B 41 -12.38 -1.27 6.32
CA ALA B 41 -12.73 -2.51 5.65
C ALA B 41 -11.64 -2.88 4.65
N ASN B 42 -11.74 -2.35 3.42
CA ASN B 42 -10.75 -2.59 2.38
C ASN B 42 -10.84 -1.63 1.19
N PRO B 43 -12.03 -1.30 0.66
CA PRO B 43 -12.15 -0.56 -0.59
C PRO B 43 -11.87 0.92 -0.43
N ASP B 44 -11.75 1.62 -1.57
CA ASP B 44 -11.53 3.05 -1.64
C ASP B 44 -12.11 3.58 -2.95
N PRO B 45 -12.73 4.77 -2.94
CA PRO B 45 -13.39 5.34 -4.10
C PRO B 45 -12.45 5.90 -5.16
N ASN B 46 -11.15 5.68 -4.99
CA ASN B 46 -10.13 6.20 -5.88
C ASN B 46 -8.97 5.22 -6.06
N CYS B 47 -8.04 5.56 -6.97
CA CYS B 47 -6.84 4.81 -7.30
C CYS B 47 -5.79 4.84 -6.19
N CYS B 48 -6.21 4.71 -4.92
CA CYS B 48 -5.32 4.79 -3.79
C CYS B 48 -5.21 3.41 -3.17
N LEU B 49 -4.01 2.82 -3.29
CA LEU B 49 -3.73 1.48 -2.82
C LEU B 49 -2.58 1.56 -1.82
N GLY B 50 -1.99 0.42 -1.46
CA GLY B 50 -0.83 0.44 -0.57
C GLY B 50 -0.51 -0.94 -0.02
N VAL B 51 0.39 -0.94 0.96
CA VAL B 51 0.82 -2.14 1.65
C VAL B 51 0.55 -1.92 3.13
N PHE B 52 -0.27 -2.80 3.72
CA PHE B 52 -0.79 -2.58 5.05
C PHE B 52 -0.52 -3.80 5.93
N GLY B 53 -0.46 -3.58 7.25
CA GLY B 53 -0.30 -4.66 8.20
C GLY B 53 0.95 -4.50 9.04
N LEU B 54 1.21 -5.54 9.83
CA LEU B 54 2.41 -5.69 10.63
C LEU B 54 3.66 -5.87 9.76
N SER B 55 3.58 -5.48 8.49
CA SER B 55 4.64 -5.56 7.49
C SER B 55 5.73 -4.51 7.73
N LEU B 56 6.07 -4.28 9.00
CA LEU B 56 6.92 -3.20 9.51
C LEU B 56 8.35 -3.12 8.96
N TYR B 57 8.72 -3.85 7.91
CA TYR B 57 10.08 -3.79 7.37
C TYR B 57 10.09 -3.50 5.86
N THR B 58 8.94 -3.21 5.27
CA THR B 58 8.84 -2.75 3.88
C THR B 58 9.55 -1.41 3.70
N THR B 59 9.97 -1.11 2.48
CA THR B 59 10.63 0.14 2.12
C THR B 59 10.12 0.56 0.74
N GLU B 60 10.04 1.88 0.49
CA GLU B 60 9.54 2.43 -0.76
C GLU B 60 10.29 1.89 -1.98
N ARG B 61 11.55 1.47 -1.81
CA ARG B 61 12.35 0.96 -2.89
C ARG B 61 11.77 -0.33 -3.44
N ASP B 62 11.17 -1.15 -2.57
CA ASP B 62 10.52 -2.37 -3.01
C ASP B 62 9.24 -2.01 -3.74
N LEU B 63 8.39 -1.21 -3.07
CA LEU B 63 7.09 -0.82 -3.54
C LEU B 63 7.17 -0.05 -4.86
N ARG B 64 8.18 0.79 -5.04
CA ARG B 64 8.31 1.60 -6.24
C ARG B 64 8.54 0.71 -7.46
N GLU B 65 9.45 -0.25 -7.33
CA GLU B 65 9.93 -1.04 -8.44
C GLU B 65 9.05 -2.23 -8.72
N VAL B 66 8.61 -2.91 -7.67
CA VAL B 66 7.86 -4.14 -7.83
C VAL B 66 6.45 -3.85 -8.29
N PHE B 67 5.94 -2.65 -7.97
CA PHE B 67 4.61 -2.29 -8.43
C PHE B 67 4.72 -1.73 -9.85
N SER B 68 5.86 -1.10 -10.17
CA SER B 68 6.12 -0.60 -11.52
C SER B 68 6.16 -1.73 -12.54
N LYS B 69 6.32 -2.99 -12.07
CA LYS B 69 6.35 -4.15 -12.97
C LYS B 69 4.97 -4.47 -13.52
N TYR B 70 3.92 -3.94 -12.88
CA TYR B 70 2.54 -4.22 -13.27
C TYR B 70 1.83 -3.01 -13.87
N GLY B 71 2.49 -1.85 -13.89
CA GLY B 71 1.94 -0.64 -14.46
C GLY B 71 2.70 0.59 -13.98
N PRO B 72 2.34 1.78 -14.46
CA PRO B 72 2.98 3.03 -14.06
C PRO B 72 2.57 3.38 -12.63
N ILE B 73 3.35 4.24 -11.98
CA ILE B 73 3.13 4.63 -10.59
C ILE B 73 3.01 6.16 -10.51
N ALA B 74 2.11 6.64 -9.65
CA ALA B 74 1.94 8.07 -9.42
C ALA B 74 2.76 8.52 -8.22
N ASP B 75 2.64 7.80 -7.10
CA ASP B 75 3.32 8.14 -5.86
C ASP B 75 3.48 6.91 -4.97
N VAL B 76 4.22 7.08 -3.87
CA VAL B 76 4.43 6.05 -2.86
C VAL B 76 4.69 6.72 -1.52
N SER B 77 4.41 6.03 -0.42
CA SER B 77 4.58 6.56 0.92
C SER B 77 4.76 5.43 1.93
N ILE B 78 5.45 5.71 3.05
CA ILE B 78 5.52 4.79 4.17
C ILE B 78 5.36 5.58 5.47
N VAL B 79 4.55 4.99 6.34
CA VAL B 79 4.16 5.46 7.65
C VAL B 79 4.57 4.37 8.62
N TYR B 80 5.85 4.04 8.56
CA TYR B 80 6.51 2.91 9.18
C TYR B 80 6.42 2.80 10.71
N ASP B 81 7.21 1.89 11.29
CA ASP B 81 7.20 1.54 12.71
C ASP B 81 7.16 2.71 13.67
N GLN B 82 6.85 2.36 14.92
CA GLN B 82 6.51 3.23 16.01
C GLN B 82 7.32 2.99 17.29
N GLN B 83 8.46 2.28 17.21
CA GLN B 83 9.32 2.12 18.36
C GLN B 83 9.73 3.49 18.89
N SER B 84 10.26 4.29 17.96
CA SER B 84 10.61 5.70 18.17
C SER B 84 9.37 6.58 18.35
N ARG B 85 8.21 5.97 18.61
CA ARG B 85 6.92 6.64 18.76
C ARG B 85 6.51 7.43 17.49
N ARG B 86 7.13 7.11 16.36
CA ARG B 86 6.80 7.67 15.07
C ARG B 86 5.63 6.90 14.45
N SER B 87 5.32 7.29 13.21
CA SER B 87 4.36 6.77 12.27
C SER B 87 3.46 5.62 12.76
N ARG B 88 3.41 4.50 12.06
CA ARG B 88 2.52 3.38 12.40
C ARG B 88 3.19 2.02 12.19
N GLY B 89 3.46 1.65 10.93
CA GLY B 89 4.06 0.38 10.59
C GLY B 89 3.77 -0.09 9.15
N PHE B 90 3.23 0.77 8.29
CA PHE B 90 2.73 0.36 6.98
C PHE B 90 3.03 1.40 5.90
N ALA B 91 2.36 1.32 4.75
CA ALA B 91 2.68 2.12 3.59
C ALA B 91 1.48 2.34 2.67
N PHE B 92 1.68 3.19 1.67
CA PHE B 92 0.68 3.46 0.65
C PHE B 92 1.34 3.57 -0.72
N VAL B 93 0.56 3.31 -1.78
CA VAL B 93 1.04 3.37 -3.17
C VAL B 93 -0.09 3.95 -4.02
N TYR B 94 0.27 4.71 -5.04
CA TYR B 94 -0.71 5.40 -5.85
C TYR B 94 -0.42 5.16 -7.33
N PHE B 95 -1.49 5.11 -8.13
CA PHE B 95 -1.41 4.78 -9.54
C PHE B 95 -2.10 5.86 -10.38
N GLU B 96 -1.97 5.75 -11.70
CA GLU B 96 -2.54 6.72 -12.63
C GLU B 96 -3.29 6.03 -13.77
N ASN B 97 -3.31 4.69 -13.78
CA ASN B 97 -3.92 3.90 -14.83
C ASN B 97 -4.59 2.67 -14.23
N VAL B 98 -5.43 2.90 -13.23
CA VAL B 98 -6.19 1.87 -12.55
C VAL B 98 -6.97 0.98 -13.52
N ASP B 99 -7.20 1.48 -14.73
CA ASP B 99 -7.85 0.73 -15.79
C ASP B 99 -7.08 -0.54 -16.13
N ASP B 100 -5.83 -0.63 -15.65
CA ASP B 100 -5.02 -1.83 -15.78
C ASP B 100 -4.15 -2.08 -14.54
N ALA B 101 -3.96 -1.06 -13.68
CA ALA B 101 -3.25 -1.25 -12.43
C ALA B 101 -4.05 -2.09 -11.46
N LYS B 102 -5.33 -2.36 -11.76
CA LYS B 102 -6.14 -3.29 -10.98
C LYS B 102 -5.50 -4.67 -10.96
N GLU B 103 -4.68 -4.99 -11.97
CA GLU B 103 -3.95 -6.24 -12.01
C GLU B 103 -2.79 -6.21 -11.02
N ALA B 104 -2.17 -5.04 -10.81
CA ALA B 104 -1.06 -4.92 -9.88
C ALA B 104 -1.53 -5.20 -8.45
N LYS B 105 -2.82 -5.00 -8.19
CA LYS B 105 -3.42 -5.20 -6.88
C LYS B 105 -3.62 -6.69 -6.66
N GLU B 106 -4.22 -7.34 -7.64
CA GLU B 106 -4.62 -8.73 -7.51
C GLU B 106 -3.41 -9.67 -7.54
N ARG B 107 -2.31 -9.26 -8.18
CA ARG B 107 -1.11 -10.07 -8.29
C ARG B 107 -0.22 -9.97 -7.06
N ALA B 108 0.02 -8.74 -6.61
CA ALA B 108 0.96 -8.48 -5.54
C ALA B 108 0.37 -8.74 -4.15
N ASN B 109 -0.94 -9.01 -4.04
CA ASN B 109 -1.55 -9.25 -2.74
C ASN B 109 -0.99 -10.53 -2.12
N GLY B 110 -0.74 -10.50 -0.81
CA GLY B 110 -0.24 -11.63 -0.05
C GLY B 110 1.14 -12.11 -0.52
N MET B 111 1.82 -11.35 -1.40
CA MET B 111 3.15 -11.74 -1.85
C MET B 111 4.11 -11.82 -0.67
N GLU B 112 5.20 -12.58 -0.83
CA GLU B 112 6.23 -12.63 0.18
C GLU B 112 7.11 -11.41 0.03
N LEU B 113 7.32 -10.70 1.15
CA LEU B 113 8.07 -9.45 1.16
C LEU B 113 8.75 -9.22 2.51
N ASP B 114 8.12 -9.72 3.57
CA ASP B 114 8.58 -9.58 4.93
C ASP B 114 8.24 -10.88 5.67
N GLY B 115 8.04 -11.95 4.91
CA GLY B 115 7.64 -13.24 5.45
C GLY B 115 6.27 -13.16 6.13
N ARG B 116 5.42 -12.22 5.68
CA ARG B 116 4.17 -11.93 6.37
C ARG B 116 2.93 -12.03 5.50
N ARG B 117 3.11 -12.31 4.20
CA ARG B 117 2.01 -12.39 3.24
C ARG B 117 1.16 -11.13 3.35
N ILE B 118 1.78 -10.03 2.93
CA ILE B 118 1.33 -8.66 3.13
C ILE B 118 -0.02 -8.36 2.50
N ARG B 119 -0.64 -7.24 2.91
CA ARG B 119 -1.86 -6.76 2.25
C ARG B 119 -1.44 -5.85 1.10
N VAL B 120 -2.12 -5.95 -0.05
CA VAL B 120 -1.89 -5.04 -1.18
C VAL B 120 -3.22 -4.78 -1.87
N ASP B 121 -3.81 -3.62 -1.60
CA ASP B 121 -5.14 -3.31 -2.11
C ASP B 121 -5.48 -1.84 -1.88
N PHE B 122 -6.72 -1.45 -2.23
CA PHE B 122 -7.26 -0.13 -1.91
C PHE B 122 -6.93 0.24 -0.46
N SER B 123 -6.71 1.53 -0.20
CA SER B 123 -6.15 1.97 1.08
C SER B 123 -7.16 2.57 2.04
N ILE B 124 -8.43 2.73 1.66
CA ILE B 124 -9.47 3.30 2.53
C ILE B 124 -9.22 4.80 2.79
N THR B 125 -8.12 5.38 2.30
CA THR B 125 -7.82 6.79 2.48
C THR B 125 -7.06 7.30 1.24
N LYS B 126 -7.56 8.42 0.68
CA LYS B 126 -7.09 8.90 -0.62
C LYS B 126 -5.71 9.55 -0.61
N ARG B 127 -5.23 10.04 0.53
CA ARG B 127 -3.90 10.67 0.60
C ARG B 127 -3.49 10.91 2.05
N PRO B 128 -2.25 11.34 2.30
CA PRO B 128 -1.76 11.64 3.63
C PRO B 128 -2.63 12.68 4.35
N HIS B 129 -3.09 12.28 5.55
CA HIS B 129 -3.75 13.08 6.57
C HIS B 129 -3.98 14.54 6.17
N ARG B 35 -17.13 -8.00 5.70
CA ARG B 35 -17.89 -7.52 6.88
C ARG B 35 -17.02 -7.53 8.12
N HIS B 36 -17.08 -6.45 8.90
CA HIS B 36 -16.31 -6.31 10.13
C HIS B 36 -17.04 -5.39 11.11
N VAL B 37 -16.49 -5.23 12.31
CA VAL B 37 -17.10 -4.45 13.38
C VAL B 37 -16.05 -3.60 14.11
N GLY B 38 -14.89 -3.38 13.48
CA GLY B 38 -13.79 -2.63 14.07
C GLY B 38 -13.15 -1.69 13.06
N ASN B 39 -13.87 -1.36 11.98
CA ASN B 39 -13.39 -0.44 10.95
C ASN B 39 -13.14 0.95 11.52
N ARG B 40 -12.43 1.76 10.73
CA ARG B 40 -12.02 3.12 11.09
C ARG B 40 -12.12 4.06 9.88
N ALA B 41 -12.59 3.52 8.74
CA ALA B 41 -12.73 4.26 7.49
C ALA B 41 -13.79 3.59 6.63
N ASN B 42 -13.99 4.09 5.40
CA ASN B 42 -14.98 3.56 4.48
C ASN B 42 -14.43 3.62 3.06
N PRO B 43 -14.43 2.50 2.31
CA PRO B 43 -13.84 2.42 0.99
C PRO B 43 -14.66 3.21 -0.03
N ASP B 44 -13.99 3.66 -1.09
CA ASP B 44 -14.57 4.42 -2.18
C ASP B 44 -13.57 4.37 -3.34
N PRO B 45 -14.02 4.37 -4.61
CA PRO B 45 -13.13 4.33 -5.76
C PRO B 45 -12.02 5.36 -5.64
N ASN B 46 -10.79 4.94 -5.95
CA ASN B 46 -9.60 5.75 -5.77
C ASN B 46 -8.53 5.35 -6.79
N CYS B 47 -7.34 5.92 -6.63
CA CYS B 47 -6.20 5.66 -7.49
C CYS B 47 -4.94 5.41 -6.64
N CYS B 48 -5.13 5.00 -5.39
CA CYS B 48 -4.03 4.79 -4.46
C CYS B 48 -4.22 3.45 -3.74
N LEU B 49 -3.58 2.41 -4.28
CA LEU B 49 -3.53 1.11 -3.63
C LEU B 49 -2.56 1.25 -2.48
N GLY B 50 -2.14 0.12 -1.89
CA GLY B 50 -1.15 0.19 -0.83
C GLY B 50 -0.73 -1.16 -0.35
N VAL B 51 0.17 -1.16 0.64
CA VAL B 51 0.72 -2.35 1.24
C VAL B 51 0.51 -2.21 2.74
N PHE B 52 -0.20 -3.16 3.32
CA PHE B 52 -0.65 -3.03 4.70
C PHE B 52 -0.26 -4.28 5.46
N GLY B 53 0.04 -4.14 6.76
CA GLY B 53 0.38 -5.28 7.59
C GLY B 53 1.55 -5.01 8.51
N LEU B 54 1.94 -6.06 9.22
CA LEU B 54 3.12 -6.10 10.08
C LEU B 54 4.38 -6.26 9.25
N SER B 55 4.31 -5.88 7.97
CA SER B 55 5.37 -6.04 7.01
C SER B 55 6.41 -4.93 7.09
N LEU B 56 6.72 -4.55 8.32
CA LEU B 56 7.59 -3.44 8.69
C LEU B 56 8.96 -3.48 8.00
N TYR B 57 9.37 -4.60 7.43
CA TYR B 57 10.67 -4.71 6.80
C TYR B 57 10.71 -4.04 5.42
N THR B 58 9.53 -3.74 4.86
CA THR B 58 9.41 -3.11 3.55
C THR B 58 9.73 -1.62 3.62
N THR B 59 10.04 -1.00 2.47
CA THR B 59 10.31 0.43 2.37
C THR B 59 9.93 0.95 0.98
N GLU B 60 9.80 2.27 0.84
CA GLU B 60 9.39 2.91 -0.40
C GLU B 60 10.28 2.54 -1.58
N ARG B 61 11.57 2.30 -1.35
CA ARG B 61 12.53 2.02 -2.40
C ARG B 61 12.31 0.63 -2.98
N ASP B 62 11.84 -0.28 -2.15
CA ASP B 62 11.52 -1.64 -2.57
C ASP B 62 10.19 -1.66 -3.31
N LEU B 63 9.20 -0.92 -2.80
CA LEU B 63 7.86 -0.89 -3.32
C LEU B 63 7.83 -0.26 -4.71
N ARG B 64 8.65 0.76 -4.95
CA ARG B 64 8.56 1.46 -6.24
C ARG B 64 9.04 0.57 -7.37
N GLU B 65 9.95 -0.35 -7.07
CA GLU B 65 10.50 -1.23 -8.09
C GLU B 65 9.52 -2.31 -8.47
N VAL B 66 9.06 -3.04 -7.46
CA VAL B 66 8.26 -4.23 -7.69
C VAL B 66 6.87 -3.88 -8.23
N PHE B 67 6.33 -2.73 -7.82
CA PHE B 67 4.99 -2.35 -8.25
C PHE B 67 5.04 -1.70 -9.63
N SER B 68 6.17 -1.08 -9.99
CA SER B 68 6.32 -0.50 -11.32
C SER B 68 6.33 -1.58 -12.40
N LYS B 69 6.47 -2.86 -12.02
CA LYS B 69 6.45 -3.96 -12.96
C LYS B 69 5.02 -4.30 -13.39
N TYR B 70 4.05 -4.09 -12.49
CA TYR B 70 2.66 -4.43 -12.76
C TYR B 70 1.92 -3.26 -13.43
N GLY B 71 2.53 -2.09 -13.49
CA GLY B 71 1.92 -0.92 -14.10
C GLY B 71 2.70 0.34 -13.75
N PRO B 72 2.25 1.50 -14.25
CA PRO B 72 2.88 2.78 -13.97
C PRO B 72 2.65 3.18 -12.52
N ILE B 73 3.44 4.12 -12.01
CA ILE B 73 3.36 4.58 -10.63
C ILE B 73 3.27 6.10 -10.61
N ALA B 74 2.61 6.66 -9.59
CA ALA B 74 2.54 8.11 -9.40
C ALA B 74 3.36 8.49 -8.17
N ASP B 75 3.25 7.69 -7.11
CA ASP B 75 4.03 7.89 -5.90
C ASP B 75 3.95 6.68 -4.98
N VAL B 76 4.55 6.81 -3.79
CA VAL B 76 4.51 5.80 -2.75
C VAL B 76 4.62 6.50 -1.39
N SER B 77 4.08 5.87 -0.35
CA SER B 77 4.05 6.43 0.99
C SER B 77 4.17 5.32 2.02
N ILE B 78 4.77 5.59 3.17
CA ILE B 78 4.78 4.70 4.31
C ILE B 78 4.51 5.57 5.54
N VAL B 79 3.53 5.17 6.35
CA VAL B 79 3.17 5.94 7.53
C VAL B 79 3.32 5.13 8.81
N TYR B 80 3.79 5.83 9.83
CA TYR B 80 4.06 5.27 11.15
C TYR B 80 4.46 6.39 12.12
N ASP B 81 4.54 6.08 13.41
CA ASP B 81 4.92 7.04 14.44
C ASP B 81 6.39 7.42 14.36
N GLN B 82 6.72 8.48 15.11
CA GLN B 82 7.98 9.16 15.11
C GLN B 82 9.00 8.65 16.15
N GLN B 83 8.59 7.77 17.07
CA GLN B 83 9.45 7.38 18.17
C GLN B 83 10.47 6.32 17.77
N SER B 84 9.97 5.11 17.50
CA SER B 84 10.79 3.94 17.23
C SER B 84 10.04 2.94 16.36
N ARG B 85 10.48 1.67 16.41
CA ARG B 85 9.85 0.55 15.72
C ARG B 85 8.42 0.28 16.22
N ARG B 86 7.91 1.19 17.04
CA ARG B 86 6.52 1.25 17.49
C ARG B 86 5.57 1.47 16.34
N SER B 87 6.18 1.94 15.28
CA SER B 87 5.69 2.28 13.97
C SER B 87 4.54 1.40 13.50
N ARG B 88 3.49 2.02 12.93
CA ARG B 88 2.37 1.30 12.33
C ARG B 88 2.88 0.41 11.19
N GLY B 89 4.02 0.81 10.62
CA GLY B 89 4.77 -0.01 9.67
C GLY B 89 4.02 -0.31 8.39
N PHE B 90 3.17 0.60 7.91
CA PHE B 90 2.34 0.28 6.75
C PHE B 90 2.36 1.40 5.73
N ALA B 91 1.82 1.14 4.55
CA ALA B 91 2.10 1.97 3.40
C ALA B 91 0.96 2.09 2.40
N PHE B 92 1.19 2.95 1.42
CA PHE B 92 0.29 3.15 0.29
C PHE B 92 1.11 3.36 -0.98
N VAL B 93 0.51 3.13 -2.15
CA VAL B 93 1.18 3.30 -3.43
C VAL B 93 0.21 3.97 -4.40
N TYR B 94 0.61 5.12 -4.96
CA TYR B 94 -0.26 5.88 -5.83
C TYR B 94 -0.01 5.44 -7.27
N PHE B 95 -1.05 5.49 -8.10
CA PHE B 95 -1.01 5.02 -9.48
C PHE B 95 -1.58 6.08 -10.42
N GLU B 96 -1.37 5.91 -11.72
CA GLU B 96 -1.81 6.88 -12.72
C GLU B 96 -2.96 6.32 -13.55
N ASN B 97 -3.11 5.00 -13.51
CA ASN B 97 -4.17 4.28 -14.19
C ASN B 97 -4.57 3.08 -13.34
N VAL B 98 -5.87 2.77 -13.29
CA VAL B 98 -6.39 1.68 -12.49
C VAL B 98 -6.82 0.54 -13.42
N ASP B 99 -6.89 0.81 -14.73
CA ASP B 99 -7.11 -0.21 -15.73
C ASP B 99 -5.91 -1.16 -15.79
N ASP B 100 -4.87 -0.87 -15.01
CA ASP B 100 -3.67 -1.70 -14.93
C ASP B 100 -3.22 -1.86 -13.48
N ALA B 101 -3.50 -0.89 -12.60
CA ALA B 101 -3.17 -1.06 -11.19
C ALA B 101 -3.99 -2.19 -10.58
N LYS B 102 -5.12 -2.53 -11.21
CA LYS B 102 -5.98 -3.61 -10.73
C LYS B 102 -5.25 -4.95 -10.71
N GLU B 103 -4.24 -5.12 -11.57
CA GLU B 103 -3.47 -6.36 -11.58
C GLU B 103 -2.48 -6.35 -10.41
N ALA B 104 -1.89 -5.20 -10.08
CA ALA B 104 -0.96 -5.12 -8.97
C ALA B 104 -1.67 -5.45 -7.66
N LYS B 105 -3.00 -5.22 -7.63
CA LYS B 105 -3.81 -5.45 -6.45
C LYS B 105 -3.99 -6.96 -6.26
N GLU B 106 -4.37 -7.63 -7.35
CA GLU B 106 -4.73 -9.03 -7.29
C GLU B 106 -3.51 -9.95 -7.19
N ARG B 107 -2.36 -9.51 -7.71
CA ARG B 107 -1.14 -10.32 -7.72
C ARG B 107 -0.44 -10.29 -6.37
N ALA B 108 -0.35 -9.11 -5.76
CA ALA B 108 0.40 -8.92 -4.52
C ALA B 108 -0.50 -8.99 -3.28
N ASN B 109 -1.76 -9.39 -3.44
CA ASN B 109 -2.74 -9.43 -2.35
C ASN B 109 -2.31 -10.28 -1.15
N GLY B 110 -1.28 -11.10 -1.31
CA GLY B 110 -0.82 -12.01 -0.26
C GLY B 110 0.51 -12.67 -0.58
N MET B 111 1.27 -12.13 -1.53
CA MET B 111 2.56 -12.69 -1.91
C MET B 111 3.58 -12.55 -0.76
N GLU B 112 4.77 -13.12 -0.98
CA GLU B 112 5.88 -13.00 -0.04
C GLU B 112 6.85 -11.97 -0.61
N LEU B 113 7.17 -10.96 0.20
CA LEU B 113 8.02 -9.85 -0.19
C LEU B 113 8.94 -9.39 0.93
N ASP B 114 8.69 -9.89 2.15
CA ASP B 114 9.35 -9.45 3.36
C ASP B 114 9.63 -10.64 4.28
N GLY B 115 9.34 -11.85 3.78
CA GLY B 115 9.54 -13.07 4.55
C GLY B 115 8.50 -13.25 5.65
N ARG B 116 7.36 -12.55 5.56
CA ARG B 116 6.34 -12.60 6.59
C ARG B 116 4.93 -12.63 6.00
N ARG B 117 4.78 -11.91 4.89
CA ARG B 117 3.62 -11.80 3.99
C ARG B 117 3.14 -10.36 4.01
N ILE B 118 2.35 -9.99 3.00
CA ILE B 118 1.83 -8.63 2.86
C ILE B 118 0.37 -8.66 2.46
N ARG B 119 -0.26 -7.48 2.44
CA ARG B 119 -1.62 -7.33 1.95
C ARG B 119 -1.64 -6.14 1.01
N VAL B 120 -2.24 -6.27 -0.19
CA VAL B 120 -2.19 -5.22 -1.19
C VAL B 120 -3.53 -5.04 -1.87
N ASP B 121 -4.03 -3.81 -1.88
CA ASP B 121 -5.34 -3.46 -2.42
C ASP B 121 -5.57 -1.95 -2.31
N PHE B 122 -6.73 -1.47 -2.73
CA PHE B 122 -7.14 -0.10 -2.47
C PHE B 122 -6.94 0.18 -0.98
N SER B 123 -6.40 1.37 -0.64
CA SER B 123 -6.05 1.66 0.74
C SER B 123 -7.26 1.66 1.67
N ILE B 124 -8.29 2.46 1.35
CA ILE B 124 -9.59 2.62 2.04
C ILE B 124 -9.85 4.10 2.38
N THR B 125 -8.86 4.97 2.13
CA THR B 125 -8.96 6.39 2.48
C THR B 125 -8.71 7.30 1.28
N LYS B 126 -8.57 6.69 0.09
CA LYS B 126 -8.36 7.35 -1.19
C LYS B 126 -7.00 8.03 -1.32
N ARG B 127 -6.50 8.65 -0.24
CA ARG B 127 -5.23 9.36 -0.20
C ARG B 127 -4.95 9.78 1.25
N PRO B 128 -3.81 10.43 1.54
CA PRO B 128 -3.50 10.88 2.89
C PRO B 128 -4.58 11.77 3.48
N HIS B 129 -4.69 11.65 4.81
CA HIS B 129 -5.55 12.41 5.72
C HIS B 129 -5.81 13.85 5.24
N ARG B 35 -10.26 -10.70 11.36
CA ARG B 35 -10.62 -10.98 9.95
C ARG B 35 -9.55 -10.41 9.02
N HIS B 36 -9.23 -11.14 7.95
CA HIS B 36 -8.20 -10.77 6.99
C HIS B 36 -8.49 -9.46 6.26
N VAL B 37 -9.67 -8.88 6.48
CA VAL B 37 -10.07 -7.62 5.88
C VAL B 37 -11.08 -6.93 6.80
N GLY B 38 -11.19 -5.59 6.69
CA GLY B 38 -12.11 -4.82 7.51
C GLY B 38 -11.97 -3.32 7.19
N ASN B 39 -12.75 -2.49 7.89
CA ASN B 39 -12.75 -1.05 7.69
C ASN B 39 -13.09 -0.33 8.98
N ARG B 40 -12.97 1.00 8.94
CA ARG B 40 -13.14 1.88 10.09
C ARG B 40 -13.67 3.24 9.65
N ALA B 41 -14.01 3.38 8.38
CA ALA B 41 -14.44 4.63 7.78
C ALA B 41 -15.37 4.35 6.59
N ASN B 42 -15.76 5.40 5.86
CA ASN B 42 -16.73 5.28 4.77
C ASN B 42 -16.26 5.80 3.39
N PRO B 43 -15.00 6.23 3.18
CA PRO B 43 -14.49 6.55 1.85
C PRO B 43 -14.77 5.46 0.80
N ASP B 44 -14.60 5.82 -0.48
CA ASP B 44 -14.86 4.93 -1.59
C ASP B 44 -13.79 5.11 -2.68
N PRO B 45 -12.51 4.91 -2.35
CA PRO B 45 -11.41 5.10 -3.28
C PRO B 45 -11.45 4.06 -4.40
N ASN B 46 -10.80 4.38 -5.52
CA ASN B 46 -10.74 3.50 -6.68
C ASN B 46 -9.44 3.70 -7.47
N CYS B 47 -8.54 4.55 -6.94
CA CYS B 47 -7.29 4.90 -7.60
C CYS B 47 -6.14 4.95 -6.59
N CYS B 48 -6.36 4.36 -5.40
CA CYS B 48 -5.39 4.42 -4.32
C CYS B 48 -5.27 3.03 -3.69
N LEU B 49 -4.05 2.48 -3.68
CA LEU B 49 -3.77 1.14 -3.21
C LEU B 49 -2.69 1.23 -2.13
N GLY B 50 -2.15 0.08 -1.71
CA GLY B 50 -1.05 0.07 -0.75
C GLY B 50 -0.62 -1.33 -0.38
N VAL B 51 0.38 -1.40 0.50
CA VAL B 51 0.97 -2.63 1.01
C VAL B 51 0.78 -2.65 2.52
N PHE B 52 -0.49 -2.82 2.89
CA PHE B 52 -0.99 -2.75 4.25
C PHE B 52 -0.53 -3.96 5.07
N GLY B 53 -0.71 -3.83 6.39
CA GLY B 53 -0.37 -4.89 7.32
C GLY B 53 1.07 -4.75 7.81
N LEU B 54 1.40 -5.51 8.86
CA LEU B 54 2.73 -5.50 9.46
C LEU B 54 3.76 -5.98 8.45
N SER B 55 4.48 -5.02 7.86
CA SER B 55 5.47 -5.26 6.83
C SER B 55 6.64 -4.29 7.01
N LEU B 56 7.04 -4.11 8.27
CA LEU B 56 8.03 -3.16 8.76
C LEU B 56 9.44 -3.32 8.16
N TYR B 57 9.60 -4.04 7.06
CA TYR B 57 10.91 -4.24 6.43
C TYR B 57 10.91 -3.81 4.97
N THR B 58 9.82 -3.21 4.49
CA THR B 58 9.71 -2.70 3.14
C THR B 58 10.18 -1.24 3.08
N THR B 59 10.51 -0.75 1.89
CA THR B 59 10.97 0.61 1.66
C THR B 59 10.36 1.12 0.34
N GLU B 60 10.08 2.43 0.25
CA GLU B 60 9.46 3.05 -0.91
C GLU B 60 10.18 2.71 -2.22
N ARG B 61 11.51 2.55 -2.16
CA ARG B 61 12.31 2.24 -3.33
C ARG B 61 12.00 0.85 -3.87
N ASP B 62 11.70 -0.09 -2.97
CA ASP B 62 11.38 -1.45 -3.35
C ASP B 62 10.00 -1.52 -4.00
N LEU B 63 9.05 -0.78 -3.43
CA LEU B 63 7.67 -0.75 -3.89
C LEU B 63 7.56 -0.10 -5.26
N ARG B 64 8.46 0.84 -5.57
CA ARG B 64 8.40 1.54 -6.84
C ARG B 64 8.72 0.60 -8.00
N GLU B 65 9.66 -0.33 -7.78
CA GLU B 65 10.10 -1.22 -8.84
C GLU B 65 9.15 -2.39 -9.02
N VAL B 66 8.75 -3.02 -7.92
CA VAL B 66 7.99 -4.25 -8.00
C VAL B 66 6.55 -3.98 -8.44
N PHE B 67 6.08 -2.75 -8.28
CA PHE B 67 4.75 -2.40 -8.74
C PHE B 67 4.81 -1.84 -10.14
N SER B 68 5.95 -1.25 -10.53
CA SER B 68 6.16 -0.79 -11.90
C SER B 68 6.13 -1.99 -12.87
N LYS B 69 6.31 -3.22 -12.36
CA LYS B 69 6.25 -4.42 -13.19
C LYS B 69 4.81 -4.74 -13.58
N TYR B 70 3.83 -4.15 -12.88
CA TYR B 70 2.43 -4.43 -13.14
C TYR B 70 1.68 -3.24 -13.74
N GLY B 71 2.29 -2.06 -13.78
CA GLY B 71 1.65 -0.89 -14.35
C GLY B 71 2.44 0.39 -14.03
N PRO B 72 1.98 1.54 -14.54
CA PRO B 72 2.59 2.83 -14.28
C PRO B 72 2.30 3.26 -12.84
N ILE B 73 3.22 4.03 -12.25
CA ILE B 73 3.11 4.45 -10.86
C ILE B 73 2.95 5.96 -10.78
N ALA B 74 2.22 6.44 -9.77
CA ALA B 74 2.02 7.86 -9.55
C ALA B 74 2.77 8.32 -8.30
N ASP B 75 2.65 7.53 -7.21
CA ASP B 75 3.27 7.88 -5.94
C ASP B 75 3.45 6.63 -5.08
N VAL B 76 4.14 6.79 -3.94
CA VAL B 76 4.37 5.71 -2.99
C VAL B 76 4.56 6.33 -1.60
N SER B 77 4.26 5.56 -0.55
CA SER B 77 4.34 6.02 0.83
C SER B 77 4.53 4.85 1.77
N ILE B 78 5.04 5.12 2.99
CA ILE B 78 5.22 4.12 4.02
C ILE B 78 4.85 4.68 5.38
N VAL B 79 4.49 3.76 6.26
CA VAL B 79 4.21 3.99 7.67
C VAL B 79 5.03 2.98 8.47
N TYR B 80 5.66 3.45 9.56
CA TYR B 80 6.67 2.71 10.29
C TYR B 80 6.79 3.12 11.76
N ASP B 81 7.33 2.24 12.61
CA ASP B 81 7.54 2.56 14.01
C ASP B 81 8.78 1.91 14.60
N GLN B 82 9.07 2.32 15.82
CA GLN B 82 10.17 1.90 16.64
C GLN B 82 9.71 1.43 18.01
N GLN B 83 8.62 2.00 18.55
CA GLN B 83 8.07 1.62 19.82
C GLN B 83 6.59 2.00 19.88
N SER B 84 6.25 3.30 19.79
CA SER B 84 4.87 3.75 19.80
C SER B 84 4.68 5.24 19.48
N ARG B 85 5.72 6.07 19.62
CA ARG B 85 5.62 7.53 19.50
C ARG B 85 5.64 8.03 18.06
N ARG B 86 5.48 7.11 17.09
CA ARG B 86 5.56 7.40 15.67
C ARG B 86 4.42 6.73 14.93
N SER B 87 4.59 6.63 13.61
CA SER B 87 3.81 5.90 12.64
C SER B 87 3.64 4.42 13.05
N ARG B 88 3.45 3.49 12.11
CA ARG B 88 3.05 2.12 12.46
C ARG B 88 3.88 1.04 11.76
N GLY B 89 3.51 0.58 10.56
CA GLY B 89 4.28 -0.51 9.95
C GLY B 89 3.72 -1.06 8.64
N PHE B 90 3.26 -0.20 7.73
CA PHE B 90 2.68 -0.61 6.46
C PHE B 90 3.01 0.42 5.39
N ALA B 91 2.28 0.44 4.26
CA ALA B 91 2.57 1.37 3.20
C ALA B 91 1.36 1.66 2.31
N PHE B 92 1.51 2.68 1.46
CA PHE B 92 0.52 3.02 0.44
C PHE B 92 1.21 3.12 -0.93
N VAL B 93 0.47 2.92 -2.01
CA VAL B 93 0.98 3.02 -3.38
C VAL B 93 -0.10 3.62 -4.26
N TYR B 94 0.29 4.35 -5.30
CA TYR B 94 -0.63 5.03 -6.18
C TYR B 94 -0.25 4.80 -7.64
N PHE B 95 -1.26 4.79 -8.50
CA PHE B 95 -1.12 4.44 -9.91
C PHE B 95 -1.73 5.52 -10.80
N GLU B 96 -1.51 5.41 -12.11
CA GLU B 96 -1.99 6.39 -13.08
C GLU B 96 -3.04 5.77 -13.99
N ASN B 97 -3.22 4.46 -13.85
CA ASN B 97 -4.27 3.72 -14.54
C ASN B 97 -4.76 2.59 -13.66
N VAL B 98 -6.08 2.42 -13.60
CA VAL B 98 -6.70 1.42 -12.75
C VAL B 98 -6.85 0.11 -13.52
N ASP B 99 -6.77 0.16 -14.85
CA ASP B 99 -6.78 -1.05 -15.66
C ASP B 99 -5.43 -1.76 -15.56
N ASP B 100 -4.47 -1.15 -14.86
CA ASP B 100 -3.20 -1.77 -14.55
C ASP B 100 -3.00 -1.86 -13.03
N ALA B 101 -3.67 -0.98 -12.26
CA ALA B 101 -3.59 -1.05 -10.82
C ALA B 101 -4.33 -2.28 -10.30
N LYS B 102 -5.38 -2.70 -11.02
CA LYS B 102 -6.18 -3.86 -10.64
C LYS B 102 -5.38 -5.16 -10.79
N GLU B 103 -4.42 -5.18 -11.71
CA GLU B 103 -3.56 -6.33 -11.90
C GLU B 103 -2.50 -6.38 -10.80
N ALA B 104 -1.99 -5.22 -10.39
CA ALA B 104 -0.99 -5.16 -9.34
C ALA B 104 -1.60 -5.57 -7.99
N LYS B 105 -2.93 -5.46 -7.87
CA LYS B 105 -3.63 -5.78 -6.64
C LYS B 105 -3.80 -7.28 -6.51
N GLU B 106 -4.24 -7.90 -7.60
CA GLU B 106 -4.62 -9.30 -7.59
C GLU B 106 -3.39 -10.22 -7.64
N ARG B 107 -2.22 -9.69 -8.00
CA ARG B 107 -1.00 -10.49 -8.14
C ARG B 107 -0.09 -10.36 -6.92
N ALA B 108 0.13 -9.13 -6.46
CA ALA B 108 1.08 -8.86 -5.39
C ALA B 108 0.50 -9.07 -3.99
N ASN B 109 -0.77 -9.47 -3.88
CA ASN B 109 -1.37 -9.72 -2.58
C ASN B 109 -0.88 -11.05 -2.01
N GLY B 110 -0.69 -11.10 -0.68
CA GLY B 110 -0.35 -12.31 0.05
C GLY B 110 1.04 -12.87 -0.25
N MET B 111 1.79 -12.25 -1.18
CA MET B 111 3.14 -12.72 -1.51
C MET B 111 4.12 -12.48 -0.36
N GLU B 112 5.37 -12.90 -0.55
CA GLU B 112 6.44 -12.71 0.42
C GLU B 112 7.51 -11.84 -0.22
N LEU B 113 7.69 -10.64 0.35
CA LEU B 113 8.54 -9.59 -0.20
C LEU B 113 9.35 -8.89 0.90
N ASP B 114 9.06 -9.22 2.15
CA ASP B 114 9.57 -8.54 3.32
C ASP B 114 9.86 -9.53 4.46
N GLY B 115 9.69 -10.83 4.18
CA GLY B 115 9.92 -11.86 5.17
C GLY B 115 8.77 -11.98 6.17
N ARG B 116 7.64 -11.33 5.90
CA ARG B 116 6.49 -11.32 6.80
C ARG B 116 5.19 -11.56 6.05
N ARG B 117 5.27 -11.63 4.73
CA ARG B 117 4.15 -11.63 3.80
C ARG B 117 3.46 -10.26 3.88
N ILE B 118 2.62 -9.95 2.87
CA ILE B 118 2.05 -8.62 2.74
C ILE B 118 0.59 -8.69 2.31
N ARG B 119 -0.08 -7.54 2.36
CA ARG B 119 -1.45 -7.40 1.88
C ARG B 119 -1.49 -6.23 0.91
N VAL B 120 -2.05 -6.42 -0.29
CA VAL B 120 -1.96 -5.43 -1.34
C VAL B 120 -3.29 -5.28 -2.07
N ASP B 121 -3.88 -4.08 -1.98
CA ASP B 121 -5.16 -3.75 -2.60
C ASP B 121 -5.54 -2.30 -2.32
N PHE B 122 -6.80 -1.95 -2.54
CA PHE B 122 -7.33 -0.62 -2.21
C PHE B 122 -6.94 -0.22 -0.78
N SER B 123 -6.99 1.08 -0.49
CA SER B 123 -6.37 1.60 0.73
C SER B 123 -7.32 2.17 1.77
N ILE B 124 -8.62 2.33 1.48
CA ILE B 124 -9.59 2.89 2.42
C ILE B 124 -9.36 4.40 2.65
N THR B 125 -8.31 4.96 2.05
CA THR B 125 -7.98 6.39 2.17
C THR B 125 -7.45 6.87 0.81
N LYS B 126 -6.99 8.13 0.69
CA LYS B 126 -6.63 8.67 -0.62
C LYS B 126 -5.33 9.45 -0.65
N ARG B 127 -4.90 10.06 0.47
CA ARG B 127 -3.68 10.85 0.55
C ARG B 127 -3.28 10.97 2.03
N PRO B 128 -2.09 11.51 2.36
CA PRO B 128 -1.57 11.49 3.70
C PRO B 128 -2.35 12.41 4.64
N HIS B 129 -2.26 12.06 5.93
CA HIS B 129 -2.80 12.75 7.09
C HIS B 129 -2.85 14.27 6.93
N ARG B 35 -10.73 -8.69 21.62
CA ARG B 35 -10.83 -7.91 20.37
C ARG B 35 -12.28 -7.50 20.11
N HIS B 36 -12.48 -6.24 19.74
CA HIS B 36 -13.82 -5.69 19.49
C HIS B 36 -13.77 -4.63 18.40
N VAL B 37 -12.65 -4.51 17.68
CA VAL B 37 -12.46 -3.50 16.65
C VAL B 37 -11.52 -4.03 15.56
N GLY B 38 -11.54 -3.39 14.39
CA GLY B 38 -10.69 -3.79 13.28
C GLY B 38 -10.78 -2.82 12.10
N ASN B 39 -11.39 -1.64 12.30
CA ASN B 39 -11.57 -0.65 11.26
C ASN B 39 -11.60 0.76 11.86
N ARG B 40 -11.37 1.77 11.01
CA ARG B 40 -11.22 3.16 11.44
C ARG B 40 -11.64 4.13 10.33
N ALA B 41 -12.15 3.62 9.21
CA ALA B 41 -12.56 4.42 8.06
C ALA B 41 -13.74 3.78 7.34
N ASN B 42 -14.23 4.45 6.30
CA ASN B 42 -15.37 3.95 5.52
C ASN B 42 -15.30 4.33 4.04
N PRO B 43 -14.77 5.51 3.65
CA PRO B 43 -14.56 5.85 2.25
C PRO B 43 -13.67 4.83 1.54
N ASP B 44 -13.64 4.88 0.21
CA ASP B 44 -12.80 4.00 -0.59
C ASP B 44 -12.31 4.70 -1.85
N PRO B 45 -11.07 4.42 -2.27
CA PRO B 45 -10.44 5.01 -3.43
C PRO B 45 -10.78 4.26 -4.71
N ASN B 46 -10.28 4.77 -5.84
CA ASN B 46 -10.41 4.15 -7.14
C ASN B 46 -9.07 4.15 -7.88
N CYS B 47 -7.99 4.60 -7.23
CA CYS B 47 -6.65 4.64 -7.79
C CYS B 47 -5.57 4.67 -6.71
N CYS B 48 -5.91 4.23 -5.49
CA CYS B 48 -5.01 4.33 -4.36
C CYS B 48 -4.88 2.95 -3.73
N LEU B 49 -4.03 2.12 -4.33
CA LEU B 49 -3.72 0.80 -3.81
C LEU B 49 -2.79 0.97 -2.62
N GLY B 50 -2.26 -0.12 -2.10
CA GLY B 50 -1.26 -0.01 -1.04
C GLY B 50 -0.84 -1.36 -0.51
N VAL B 51 0.09 -1.33 0.44
CA VAL B 51 0.64 -2.51 1.07
C VAL B 51 0.41 -2.36 2.56
N PHE B 52 -0.34 -3.31 3.13
CA PHE B 52 -0.81 -3.20 4.50
C PHE B 52 -0.43 -4.46 5.25
N GLY B 53 -0.18 -4.34 6.55
CA GLY B 53 0.14 -5.51 7.36
C GLY B 53 1.19 -5.23 8.41
N LEU B 54 1.47 -6.26 9.22
CA LEU B 54 2.59 -6.27 10.15
C LEU B 54 3.85 -6.56 9.37
N SER B 55 4.03 -5.78 8.30
CA SER B 55 5.12 -5.86 7.36
C SER B 55 6.03 -4.65 7.56
N LEU B 56 6.29 -4.36 8.85
CA LEU B 56 6.90 -3.14 9.37
C LEU B 56 8.27 -2.78 8.81
N TYR B 57 8.80 -3.50 7.81
CA TYR B 57 10.16 -3.27 7.35
C TYR B 57 10.25 -2.97 5.85
N THR B 58 9.11 -2.87 5.15
CA THR B 58 9.12 -2.40 3.77
C THR B 58 9.55 -0.93 3.74
N THR B 59 10.10 -0.44 2.62
CA THR B 59 10.57 0.92 2.48
C THR B 59 10.19 1.43 1.09
N GLU B 60 9.88 2.73 0.96
CA GLU B 60 9.37 3.35 -0.26
C GLU B 60 10.15 2.95 -1.51
N ARG B 61 11.45 2.72 -1.40
CA ARG B 61 12.30 2.33 -2.51
C ARG B 61 11.95 0.95 -3.03
N ASP B 62 11.50 0.07 -2.13
CA ASP B 62 11.14 -1.29 -2.47
C ASP B 62 9.79 -1.31 -3.18
N LEU B 63 8.81 -0.56 -2.69
CA LEU B 63 7.51 -0.49 -3.31
C LEU B 63 7.63 0.04 -4.73
N ARG B 64 8.62 0.90 -4.97
CA ARG B 64 8.81 1.52 -6.27
C ARG B 64 9.17 0.49 -7.33
N GLU B 65 9.74 -0.66 -6.93
CA GLU B 65 10.18 -1.66 -7.88
C GLU B 65 9.20 -2.83 -7.93
N VAL B 66 8.59 -3.13 -6.79
CA VAL B 66 7.67 -4.24 -6.71
C VAL B 66 6.33 -3.89 -7.36
N PHE B 67 6.14 -2.61 -7.71
CA PHE B 67 4.92 -2.19 -8.37
C PHE B 67 5.17 -1.50 -9.70
N SER B 68 6.33 -0.83 -9.88
CA SER B 68 6.60 -0.19 -11.15
C SER B 68 6.78 -1.21 -12.28
N LYS B 69 6.93 -2.50 -11.94
CA LYS B 69 7.07 -3.54 -12.96
C LYS B 69 5.71 -3.92 -13.54
N TYR B 70 4.68 -3.93 -12.68
CA TYR B 70 3.33 -4.27 -13.09
C TYR B 70 2.66 -3.10 -13.83
N GLY B 71 3.25 -1.91 -13.78
CA GLY B 71 2.70 -0.74 -14.45
C GLY B 71 3.35 0.53 -13.91
N PRO B 72 2.98 1.70 -14.44
CA PRO B 72 3.53 2.98 -14.01
C PRO B 72 3.05 3.32 -12.59
N ILE B 73 3.69 4.32 -11.97
CA ILE B 73 3.39 4.72 -10.60
C ILE B 73 3.28 6.24 -10.54
N ALA B 74 2.41 6.76 -9.67
CA ALA B 74 2.32 8.20 -9.44
C ALA B 74 3.06 8.55 -8.15
N ASP B 75 2.76 7.82 -7.07
CA ASP B 75 3.35 8.07 -5.76
C ASP B 75 3.24 6.83 -4.86
N VAL B 76 3.90 6.89 -3.69
CA VAL B 76 3.76 5.92 -2.62
C VAL B 76 3.88 6.64 -1.28
N SER B 77 3.65 5.92 -0.19
CA SER B 77 3.76 6.46 1.16
C SER B 77 3.97 5.33 2.16
N ILE B 78 4.62 5.61 3.30
CA ILE B 78 4.73 4.67 4.40
C ILE B 78 4.45 5.43 5.69
N VAL B 79 3.24 5.24 6.21
CA VAL B 79 2.76 5.87 7.42
C VAL B 79 3.26 5.14 8.67
N TYR B 80 3.83 5.95 9.57
CA TYR B 80 4.32 5.62 10.90
C TYR B 80 5.05 6.85 11.45
N ASP B 81 5.63 6.76 12.65
CA ASP B 81 6.42 7.84 13.21
C ASP B 81 7.80 7.39 13.70
N GLN B 82 8.61 8.40 13.98
CA GLN B 82 10.00 8.34 14.35
C GLN B 82 10.26 7.81 15.76
N GLN B 83 9.24 7.26 16.43
CA GLN B 83 9.35 6.86 17.82
C GLN B 83 10.32 5.69 17.99
N SER B 84 9.95 4.57 17.36
CA SER B 84 10.71 3.33 17.37
C SER B 84 10.04 2.36 16.40
N ARG B 85 10.38 1.07 16.47
CA ARG B 85 9.76 0.02 15.67
C ARG B 85 8.28 -0.16 16.03
N ARG B 86 7.77 0.74 16.87
CA ARG B 86 6.38 0.84 17.29
C ARG B 86 5.47 1.22 16.13
N SER B 87 6.13 1.77 15.13
CA SER B 87 5.65 2.22 13.85
C SER B 87 4.53 1.35 13.30
N ARG B 88 3.47 1.98 12.78
CA ARG B 88 2.39 1.26 12.11
C ARG B 88 2.94 0.55 10.88
N GLY B 89 4.10 1.03 10.39
CA GLY B 89 4.91 0.41 9.38
C GLY B 89 4.13 -0.13 8.18
N PHE B 90 3.19 0.64 7.65
CA PHE B 90 2.44 0.21 6.47
C PHE B 90 2.39 1.32 5.44
N ALA B 91 1.87 1.02 4.26
CA ALA B 91 2.06 1.88 3.11
C ALA B 91 0.86 2.01 2.19
N PHE B 92 1.01 2.91 1.22
CA PHE B 92 0.03 3.14 0.18
C PHE B 92 0.77 3.30 -1.15
N VAL B 93 0.07 3.08 -2.26
CA VAL B 93 0.62 3.23 -3.59
C VAL B 93 -0.42 3.92 -4.45
N TYR B 94 0.02 4.82 -5.34
CA TYR B 94 -0.86 5.60 -6.17
C TYR B 94 -0.49 5.37 -7.63
N PHE B 95 -1.51 5.31 -8.49
CA PHE B 95 -1.33 4.92 -9.88
C PHE B 95 -1.98 5.94 -10.82
N GLU B 96 -1.69 5.78 -12.11
CA GLU B 96 -2.20 6.66 -13.16
C GLU B 96 -2.84 5.84 -14.28
N ASN B 97 -2.78 4.51 -14.17
CA ASN B 97 -3.28 3.58 -15.16
C ASN B 97 -3.89 2.37 -14.46
N VAL B 98 -4.83 2.64 -13.55
CA VAL B 98 -5.56 1.62 -12.84
C VAL B 98 -6.23 0.62 -13.78
N ASP B 99 -6.41 1.02 -15.05
CA ASP B 99 -6.93 0.16 -16.09
C ASP B 99 -6.06 -1.08 -16.28
N ASP B 100 -4.85 -1.07 -15.70
CA ASP B 100 -3.94 -2.21 -15.70
C ASP B 100 -3.27 -2.41 -14.35
N ALA B 101 -3.24 -1.39 -13.48
CA ALA B 101 -2.70 -1.54 -12.14
C ALA B 101 -3.58 -2.45 -11.29
N LYS B 102 -4.80 -2.73 -11.75
CA LYS B 102 -5.70 -3.65 -11.07
C LYS B 102 -5.09 -5.05 -11.01
N GLU B 103 -4.19 -5.37 -11.94
CA GLU B 103 -3.48 -6.64 -11.91
C GLU B 103 -2.44 -6.64 -10.80
N ALA B 104 -1.79 -5.49 -10.55
CA ALA B 104 -0.80 -5.39 -9.50
C ALA B 104 -1.43 -5.65 -8.13
N LYS B 105 -2.74 -5.41 -8.02
CA LYS B 105 -3.49 -5.66 -6.80
C LYS B 105 -3.64 -7.16 -6.62
N GLU B 106 -4.06 -7.83 -7.70
CA GLU B 106 -4.37 -9.23 -7.65
C GLU B 106 -3.13 -10.11 -7.53
N ARG B 107 -1.97 -9.63 -8.04
CA ARG B 107 -0.73 -10.39 -8.02
C ARG B 107 -0.06 -10.36 -6.66
N ALA B 108 -0.03 -9.18 -6.03
CA ALA B 108 0.67 -8.99 -4.77
C ALA B 108 -0.25 -9.11 -3.56
N ASN B 109 -1.50 -9.55 -3.76
CA ASN B 109 -2.52 -9.61 -2.71
C ASN B 109 -2.12 -10.47 -1.50
N GLY B 110 -1.04 -11.24 -1.63
CA GLY B 110 -0.63 -12.16 -0.57
C GLY B 110 0.76 -12.75 -0.77
N MET B 111 1.55 -12.21 -1.71
CA MET B 111 2.90 -12.71 -1.97
C MET B 111 3.78 -12.60 -0.74
N GLU B 112 4.86 -13.39 -0.69
CA GLU B 112 5.83 -13.33 0.39
C GLU B 112 6.82 -12.20 0.13
N LEU B 113 6.77 -11.18 0.97
CA LEU B 113 7.67 -10.03 0.90
C LEU B 113 7.87 -9.48 2.30
N ASP B 114 9.07 -9.75 2.84
CA ASP B 114 9.58 -9.38 4.15
C ASP B 114 9.68 -10.66 4.99
N GLY B 115 9.29 -11.80 4.41
CA GLY B 115 9.30 -13.07 5.12
C GLY B 115 8.09 -13.18 6.04
N ARG B 116 7.06 -12.37 5.77
CA ARG B 116 5.87 -12.27 6.61
C ARG B 116 4.58 -12.29 5.80
N ARG B 117 4.72 -12.29 4.47
CA ARG B 117 3.65 -12.09 3.51
C ARG B 117 3.08 -10.67 3.69
N ILE B 118 2.21 -10.26 2.78
CA ILE B 118 1.66 -8.91 2.76
C ILE B 118 0.20 -8.93 2.34
N ARG B 119 -0.42 -7.75 2.31
CA ARG B 119 -1.78 -7.58 1.84
C ARG B 119 -1.80 -6.37 0.91
N VAL B 120 -2.31 -6.54 -0.31
CA VAL B 120 -2.21 -5.48 -1.31
C VAL B 120 -3.50 -5.34 -2.11
N ASP B 121 -4.06 -4.12 -2.09
CA ASP B 121 -5.28 -3.77 -2.80
C ASP B 121 -5.66 -2.32 -2.51
N PHE B 122 -6.87 -1.90 -2.92
CA PHE B 122 -7.37 -0.57 -2.59
C PHE B 122 -7.20 -0.31 -1.10
N SER B 123 -6.77 0.91 -0.76
CA SER B 123 -6.36 1.24 0.59
C SER B 123 -7.48 1.67 1.52
N ILE B 124 -8.75 1.67 1.11
CA ILE B 124 -9.80 2.32 1.91
C ILE B 124 -9.40 3.81 1.99
N THR B 125 -10.10 4.64 2.78
CA THR B 125 -9.83 6.07 2.81
C THR B 125 -9.81 6.63 1.38
N LYS B 126 -9.08 7.73 1.12
CA LYS B 126 -8.96 8.25 -0.23
C LYS B 126 -7.56 8.81 -0.48
N ARG B 127 -6.96 9.44 0.53
CA ARG B 127 -5.63 10.04 0.46
C ARG B 127 -5.18 10.41 1.88
N PRO B 128 -3.96 10.94 2.06
CA PRO B 128 -3.47 11.32 3.37
C PRO B 128 -4.36 12.33 4.08
N HIS B 129 -4.28 12.25 5.41
CA HIS B 129 -4.94 13.09 6.42
C HIS B 129 -5.00 14.57 6.01
N ARG B 35 -13.36 17.06 20.47
CA ARG B 35 -13.96 16.21 19.41
C ARG B 35 -12.89 15.73 18.44
N HIS B 36 -13.13 14.59 17.79
CA HIS B 36 -12.19 13.99 16.85
C HIS B 36 -12.94 13.11 15.85
N VAL B 37 -12.22 12.59 14.86
CA VAL B 37 -12.80 11.73 13.83
C VAL B 37 -11.73 10.79 13.27
N GLY B 38 -12.15 9.69 12.65
CA GLY B 38 -11.26 8.70 12.06
C GLY B 38 -12.05 7.60 11.36
N ASN B 39 -11.35 6.64 10.75
CA ASN B 39 -11.98 5.53 10.05
C ASN B 39 -11.07 4.31 10.07
N ARG B 40 -11.63 3.15 9.74
CA ARG B 40 -10.94 1.87 9.83
C ARG B 40 -11.45 0.86 8.78
N ALA B 41 -12.42 1.27 7.95
CA ALA B 41 -12.96 0.43 6.90
C ALA B 41 -11.90 0.06 5.85
N ASN B 42 -12.30 -0.70 4.83
CA ASN B 42 -11.39 -1.14 3.78
C ASN B 42 -12.08 -1.52 2.46
N PRO B 43 -13.30 -2.07 2.46
CA PRO B 43 -14.00 -2.46 1.24
C PRO B 43 -14.16 -1.35 0.19
N ASP B 44 -13.99 -0.09 0.60
CA ASP B 44 -14.15 1.05 -0.30
C ASP B 44 -13.06 1.05 -1.38
N PRO B 45 -13.44 1.05 -2.67
CA PRO B 45 -12.49 1.08 -3.77
C PRO B 45 -11.89 2.48 -3.92
N ASN B 46 -10.69 2.57 -4.50
CA ASN B 46 -9.99 3.83 -4.60
C ASN B 46 -8.91 3.80 -5.68
N CYS B 47 -8.45 4.97 -6.12
CA CYS B 47 -7.34 5.14 -7.05
C CYS B 47 -6.01 5.02 -6.32
N CYS B 48 -6.05 4.56 -5.06
CA CYS B 48 -4.87 4.50 -4.21
C CYS B 48 -4.82 3.13 -3.53
N LEU B 49 -3.91 2.28 -4.00
CA LEU B 49 -3.63 0.99 -3.39
C LEU B 49 -2.78 1.28 -2.15
N GLY B 50 -2.24 0.24 -1.52
CA GLY B 50 -1.31 0.44 -0.43
C GLY B 50 -0.65 -0.88 -0.05
N VAL B 51 0.34 -0.80 0.83
CA VAL B 51 1.07 -1.96 1.31
C VAL B 51 0.97 -1.97 2.83
N PHE B 52 -0.25 -2.22 3.28
CA PHE B 52 -0.56 -2.23 4.70
C PHE B 52 0.20 -3.41 5.33
N GLY B 53 0.90 -3.18 6.44
CA GLY B 53 1.71 -4.21 7.07
C GLY B 53 2.81 -4.70 6.12
N LEU B 54 3.59 -3.78 5.54
CA LEU B 54 4.63 -4.08 4.56
C LEU B 54 5.81 -4.90 5.09
N SER B 55 5.60 -5.64 6.18
CA SER B 55 6.55 -6.54 6.79
C SER B 55 7.53 -5.80 7.70
N LEU B 56 7.40 -4.48 7.78
CA LEU B 56 8.23 -3.59 8.58
C LEU B 56 9.72 -3.79 8.31
N TYR B 57 10.07 -4.44 7.19
CA TYR B 57 11.44 -4.67 6.76
C TYR B 57 11.60 -4.31 5.28
N THR B 58 10.67 -3.52 4.74
CA THR B 58 10.72 -3.04 3.37
C THR B 58 10.52 -1.52 3.35
N THR B 59 10.84 -0.86 2.24
CA THR B 59 10.76 0.59 2.14
C THR B 59 10.26 1.03 0.75
N GLU B 60 9.93 2.32 0.62
CA GLU B 60 9.36 2.89 -0.60
C GLU B 60 10.18 2.57 -1.85
N ARG B 61 11.51 2.54 -1.72
CA ARG B 61 12.39 2.32 -2.84
C ARG B 61 12.28 0.92 -3.41
N ASP B 62 12.02 -0.07 -2.53
CA ASP B 62 11.88 -1.45 -2.95
C ASP B 62 10.49 -1.68 -3.52
N LEU B 63 9.47 -1.10 -2.88
CA LEU B 63 8.09 -1.25 -3.27
C LEU B 63 7.85 -0.57 -4.62
N ARG B 64 8.58 0.51 -4.91
CA ARG B 64 8.36 1.25 -6.15
C ARG B 64 8.78 0.43 -7.37
N GLU B 65 9.78 -0.43 -7.21
CA GLU B 65 10.29 -1.20 -8.33
C GLU B 65 9.40 -2.40 -8.61
N VAL B 66 9.01 -3.11 -7.56
CA VAL B 66 8.26 -4.34 -7.74
C VAL B 66 6.83 -4.05 -8.16
N PHE B 67 6.31 -2.87 -7.82
CA PHE B 67 4.95 -2.52 -8.21
C PHE B 67 4.96 -1.94 -9.62
N SER B 68 6.06 -1.31 -10.02
CA SER B 68 6.21 -0.75 -11.37
C SER B 68 6.19 -1.86 -12.42
N LYS B 69 6.38 -3.13 -12.01
CA LYS B 69 6.33 -4.25 -12.95
C LYS B 69 4.90 -4.55 -13.38
N TYR B 70 3.93 -4.26 -12.50
CA TYR B 70 2.53 -4.53 -12.78
C TYR B 70 1.85 -3.37 -13.51
N GLY B 71 2.49 -2.19 -13.54
CA GLY B 71 1.94 -1.02 -14.21
C GLY B 71 2.70 0.24 -13.80
N PRO B 72 2.33 1.40 -14.35
CA PRO B 72 2.96 2.67 -14.04
C PRO B 72 2.59 3.08 -12.62
N ILE B 73 3.41 3.96 -12.03
CA ILE B 73 3.25 4.41 -10.64
C ILE B 73 3.21 5.93 -10.60
N ALA B 74 2.45 6.49 -9.65
CA ALA B 74 2.39 7.92 -9.46
C ALA B 74 3.18 8.32 -8.21
N ASP B 75 2.95 7.60 -7.10
CA ASP B 75 3.59 7.89 -5.83
C ASP B 75 3.58 6.66 -4.93
N VAL B 76 4.29 6.75 -3.81
CA VAL B 76 4.36 5.69 -2.80
C VAL B 76 4.66 6.36 -1.45
N SER B 77 4.25 5.72 -0.35
CA SER B 77 4.44 6.28 0.98
C SER B 77 4.43 5.19 2.04
N ILE B 78 5.10 5.43 3.17
CA ILE B 78 5.05 4.54 4.33
C ILE B 78 4.79 5.42 5.56
N VAL B 79 3.72 5.07 6.28
CA VAL B 79 3.29 5.78 7.46
C VAL B 79 3.84 5.07 8.70
N TYR B 80 4.65 5.80 9.45
CA TYR B 80 5.21 5.32 10.70
C TYR B 80 5.98 6.43 11.42
N ASP B 81 6.38 6.17 12.67
CA ASP B 81 7.20 7.06 13.46
C ASP B 81 8.32 6.29 14.16
N GLN B 82 9.05 6.99 15.01
CA GLN B 82 10.22 6.50 15.69
C GLN B 82 10.07 6.52 17.21
N GLN B 83 9.11 7.30 17.74
CA GLN B 83 8.91 7.45 19.16
C GLN B 83 7.44 7.24 19.53
N SER B 84 6.56 8.02 18.88
CA SER B 84 5.12 7.97 19.07
C SER B 84 4.62 6.56 18.81
N ARG B 85 4.39 5.79 19.89
CA ARG B 85 3.96 4.40 19.88
C ARG B 85 4.64 3.56 18.80
N ARG B 86 5.91 3.89 18.48
CA ARG B 86 6.70 3.29 17.43
C ARG B 86 6.00 3.28 16.07
N SER B 87 6.71 2.74 15.08
CA SER B 87 6.28 2.67 13.70
C SER B 87 4.95 1.94 13.54
N ARG B 88 3.99 2.57 12.85
CA ARG B 88 2.72 1.91 12.51
C ARG B 88 2.98 0.80 11.50
N GLY B 89 4.10 0.91 10.78
CA GLY B 89 4.58 -0.14 9.90
C GLY B 89 3.64 -0.44 8.73
N PHE B 90 3.15 0.60 8.04
CA PHE B 90 2.21 0.38 6.95
C PHE B 90 2.36 1.47 5.90
N ALA B 91 1.79 1.23 4.72
CA ALA B 91 2.07 2.08 3.57
C ALA B 91 0.90 2.28 2.63
N PHE B 92 1.14 3.09 1.61
CA PHE B 92 0.18 3.45 0.57
C PHE B 92 0.90 3.51 -0.77
N VAL B 93 0.17 3.29 -1.87
CA VAL B 93 0.71 3.39 -3.22
C VAL B 93 -0.33 4.06 -4.11
N TYR B 94 0.15 4.78 -5.13
CA TYR B 94 -0.70 5.56 -6.00
C TYR B 94 -0.39 5.23 -7.46
N PHE B 95 -1.44 5.13 -8.28
CA PHE B 95 -1.30 4.74 -9.67
C PHE B 95 -1.91 5.80 -10.58
N GLU B 96 -1.65 5.71 -11.88
CA GLU B 96 -2.10 6.73 -12.84
C GLU B 96 -3.09 6.16 -13.84
N ASN B 97 -3.29 4.84 -13.81
CA ASN B 97 -4.30 4.17 -14.60
C ASN B 97 -4.79 2.95 -13.85
N VAL B 98 -6.11 2.85 -13.70
CA VAL B 98 -6.71 1.76 -12.94
C VAL B 98 -6.77 0.50 -13.79
N ASP B 99 -6.65 0.62 -15.12
CA ASP B 99 -6.59 -0.53 -16.01
C ASP B 99 -5.21 -1.18 -15.93
N ASP B 100 -4.29 -0.58 -15.17
CA ASP B 100 -3.00 -1.18 -14.89
C ASP B 100 -2.79 -1.31 -13.38
N ALA B 101 -3.53 -0.53 -12.58
CA ALA B 101 -3.46 -0.64 -11.13
C ALA B 101 -4.18 -1.90 -10.66
N LYS B 102 -5.19 -2.34 -11.40
CA LYS B 102 -5.98 -3.52 -11.06
C LYS B 102 -5.14 -4.79 -11.10
N GLU B 103 -4.06 -4.78 -11.88
CA GLU B 103 -3.16 -5.92 -11.96
C GLU B 103 -2.28 -5.98 -10.71
N ALA B 104 -1.83 -4.83 -10.21
CA ALA B 104 -1.03 -4.78 -8.99
C ALA B 104 -1.90 -5.05 -7.77
N LYS B 105 -3.21 -4.80 -7.91
CA LYS B 105 -4.20 -4.97 -6.85
C LYS B 105 -4.42 -6.44 -6.62
N GLU B 106 -4.80 -7.12 -7.70
CA GLU B 106 -5.29 -8.48 -7.62
C GLU B 106 -4.15 -9.48 -7.41
N ARG B 107 -2.93 -9.14 -7.84
CA ARG B 107 -1.79 -10.05 -7.76
C ARG B 107 -1.04 -9.93 -6.45
N ALA B 108 -0.72 -8.70 -6.05
CA ALA B 108 0.11 -8.46 -4.88
C ALA B 108 -0.68 -8.50 -3.58
N ASN B 109 -1.98 -8.80 -3.65
CA ASN B 109 -2.88 -8.83 -2.50
C ASN B 109 -2.42 -9.77 -1.38
N GLY B 110 -1.41 -10.60 -1.66
CA GLY B 110 -0.87 -11.54 -0.69
C GLY B 110 0.46 -12.14 -1.17
N MET B 111 1.14 -11.46 -2.09
CA MET B 111 2.43 -11.92 -2.58
C MET B 111 3.43 -12.10 -1.43
N GLU B 112 4.47 -12.89 -1.66
CA GLU B 112 5.50 -13.11 -0.66
C GLU B 112 6.50 -11.96 -0.72
N LEU B 113 6.97 -11.55 0.46
CA LEU B 113 7.94 -10.47 0.61
C LEU B 113 8.78 -10.66 1.87
N ASP B 114 8.17 -11.26 2.90
CA ASP B 114 8.81 -11.63 4.14
C ASP B 114 8.17 -12.90 4.70
N GLY B 115 7.35 -13.57 3.88
CA GLY B 115 6.61 -14.75 4.30
C GLY B 115 5.30 -14.39 5.00
N ARG B 116 4.92 -13.10 4.96
CA ARG B 116 3.78 -12.60 5.71
C ARG B 116 2.48 -12.58 4.91
N ARG B 117 2.55 -12.80 3.59
CA ARG B 117 1.41 -12.60 2.70
C ARG B 117 0.82 -11.21 2.96
N ILE B 118 1.54 -10.20 2.46
CA ILE B 118 1.31 -8.78 2.71
C ILE B 118 -0.08 -8.35 2.25
N ARG B 119 -0.51 -7.14 2.63
CA ARG B 119 -1.81 -6.62 2.21
C ARG B 119 -1.60 -5.57 1.12
N VAL B 120 -2.11 -5.82 -0.08
CA VAL B 120 -2.05 -4.82 -1.14
C VAL B 120 -3.43 -4.60 -1.73
N ASP B 121 -3.98 -3.41 -1.47
CA ASP B 121 -5.33 -3.09 -1.91
C ASP B 121 -5.68 -1.62 -1.69
N PHE B 122 -6.92 -1.26 -2.02
CA PHE B 122 -7.43 0.10 -1.85
C PHE B 122 -7.32 0.54 -0.40
N SER B 123 -6.73 1.72 -0.17
CA SER B 123 -6.44 2.20 1.17
C SER B 123 -7.68 2.51 2.00
N ILE B 124 -8.38 3.60 1.64
CA ILE B 124 -9.59 4.19 2.25
C ILE B 124 -9.55 5.71 2.11
N THR B 125 -8.37 6.27 1.83
CA THR B 125 -8.16 7.71 1.82
C THR B 125 -7.19 8.08 0.70
N LYS B 126 -7.07 9.38 0.38
CA LYS B 126 -6.31 9.84 -0.78
C LYS B 126 -5.34 10.93 -0.36
N ARG B 127 -4.06 10.70 -0.66
CA ARG B 127 -2.92 11.54 -0.30
C ARG B 127 -2.81 11.81 1.20
N PRO B 128 -1.63 12.24 1.65
CA PRO B 128 -1.36 12.46 3.06
C PRO B 128 -2.25 13.53 3.68
N HIS B 129 -2.37 13.40 5.00
CA HIS B 129 -3.09 14.25 5.94
C HIS B 129 -3.10 15.72 5.53
N ARG B 35 -7.33 9.10 9.22
CA ARG B 35 -8.42 9.68 10.03
C ARG B 35 -9.28 10.62 9.19
N HIS B 36 -10.61 10.52 9.34
CA HIS B 36 -11.58 11.36 8.64
C HIS B 36 -11.44 11.34 7.11
N VAL B 37 -10.84 10.29 6.56
CA VAL B 37 -10.68 10.13 5.11
C VAL B 37 -10.91 8.68 4.68
N GLY B 38 -11.41 7.85 5.59
CA GLY B 38 -11.63 6.43 5.34
C GLY B 38 -12.41 5.79 6.47
N ASN B 39 -12.63 4.47 6.38
CA ASN B 39 -13.38 3.71 7.37
C ASN B 39 -12.80 2.31 7.52
N ARG B 40 -12.47 2.00 8.77
CA ARG B 40 -11.87 0.75 9.24
C ARG B 40 -12.69 -0.48 8.86
N ALA B 41 -13.91 -0.30 8.34
CA ALA B 41 -14.79 -1.41 8.01
C ALA B 41 -15.52 -1.21 6.67
N ASN B 42 -15.09 -0.24 5.85
CA ASN B 42 -15.74 0.01 4.57
C ASN B 42 -14.81 0.77 3.63
N PRO B 43 -14.70 0.34 2.36
CA PRO B 43 -13.83 0.96 1.36
C PRO B 43 -14.42 2.29 0.89
N ASP B 44 -13.62 3.03 0.11
CA ASP B 44 -14.02 4.34 -0.41
C ASP B 44 -13.28 4.76 -1.69
N PRO B 45 -11.96 4.50 -1.83
CA PRO B 45 -11.20 4.95 -2.98
C PRO B 45 -11.37 4.01 -4.18
N ASN B 46 -10.77 4.37 -5.31
CA ASN B 46 -10.79 3.58 -6.53
C ASN B 46 -9.52 3.80 -7.35
N CYS B 47 -8.56 4.57 -6.82
CA CYS B 47 -7.34 4.96 -7.52
C CYS B 47 -6.15 5.00 -6.58
N CYS B 48 -6.26 4.41 -5.38
CA CYS B 48 -5.21 4.46 -4.39
C CYS B 48 -5.09 3.07 -3.78
N LEU B 49 -3.88 2.50 -3.83
CA LEU B 49 -3.58 1.17 -3.37
C LEU B 49 -2.50 1.26 -2.30
N GLY B 50 -1.96 0.12 -1.87
CA GLY B 50 -0.86 0.14 -0.93
C GLY B 50 -0.57 -1.23 -0.35
N VAL B 51 0.36 -1.23 0.61
CA VAL B 51 0.78 -2.43 1.32
C VAL B 51 0.49 -2.19 2.78
N PHE B 52 -0.33 -3.06 3.37
CA PHE B 52 -0.86 -2.85 4.70
C PHE B 52 -0.50 -4.05 5.57
N GLY B 53 -0.33 -3.84 6.88
CA GLY B 53 -0.03 -4.93 7.79
C GLY B 53 1.14 -4.64 8.70
N LEU B 54 1.54 -5.68 9.42
CA LEU B 54 2.72 -5.67 10.29
C LEU B 54 3.99 -5.85 9.48
N SER B 55 3.91 -5.47 8.21
CA SER B 55 4.99 -5.52 7.22
C SER B 55 6.05 -4.45 7.49
N LEU B 56 6.36 -4.20 8.76
CA LEU B 56 7.22 -3.14 9.29
C LEU B 56 8.65 -3.09 8.75
N TYR B 57 9.00 -3.85 7.71
CA TYR B 57 10.36 -3.89 7.20
C TYR B 57 10.42 -3.56 5.70
N THR B 58 9.30 -3.16 5.10
CA THR B 58 9.27 -2.68 3.73
C THR B 58 9.86 -1.27 3.67
N THR B 59 10.29 -0.84 2.49
CA THR B 59 10.89 0.47 2.27
C THR B 59 10.38 1.03 0.95
N GLU B 60 10.23 2.37 0.86
CA GLU B 60 9.71 3.03 -0.33
C GLU B 60 10.43 2.63 -1.60
N ARG B 61 11.74 2.35 -1.53
CA ARG B 61 12.55 2.00 -2.67
C ARG B 61 12.14 0.63 -3.21
N ASP B 62 11.77 -0.28 -2.30
CA ASP B 62 11.33 -1.61 -2.66
C ASP B 62 9.99 -1.56 -3.39
N LEU B 63 9.06 -0.74 -2.86
CA LEU B 63 7.72 -0.63 -3.39
C LEU B 63 7.74 -0.08 -4.82
N ARG B 64 8.74 0.76 -5.14
CA ARG B 64 8.84 1.33 -6.48
C ARG B 64 9.13 0.26 -7.52
N GLU B 65 9.72 -0.86 -7.11
CA GLU B 65 10.08 -1.93 -8.04
C GLU B 65 9.00 -2.99 -8.08
N VAL B 66 8.38 -3.24 -6.94
CA VAL B 66 7.39 -4.30 -6.84
C VAL B 66 6.04 -3.84 -7.39
N PHE B 67 5.91 -2.55 -7.71
CA PHE B 67 4.66 -2.06 -8.28
C PHE B 67 4.85 -1.38 -9.63
N SER B 68 6.01 -0.79 -9.91
CA SER B 68 6.24 -0.17 -11.22
C SER B 68 6.25 -1.21 -12.34
N LYS B 69 6.37 -2.50 -12.00
CA LYS B 69 6.35 -3.57 -12.99
C LYS B 69 4.93 -3.87 -13.44
N TYR B 70 3.97 -3.79 -12.52
CA TYR B 70 2.57 -4.07 -12.82
C TYR B 70 1.84 -2.88 -13.45
N GLY B 71 2.49 -1.71 -13.49
CA GLY B 71 1.88 -0.53 -14.10
C GLY B 71 2.68 0.74 -13.74
N PRO B 72 2.28 1.89 -14.29
CA PRO B 72 2.93 3.16 -14.02
C PRO B 72 2.61 3.63 -12.60
N ILE B 73 3.45 4.51 -12.05
CA ILE B 73 3.33 4.96 -10.66
C ILE B 73 3.21 6.49 -10.62
N ALA B 74 2.57 7.00 -9.58
CA ALA B 74 2.42 8.44 -9.37
C ALA B 74 3.04 8.84 -8.03
N ASP B 75 2.84 8.01 -7.00
CA ASP B 75 3.36 8.28 -5.67
C ASP B 75 3.52 6.98 -4.87
N VAL B 76 4.22 7.08 -3.74
CA VAL B 76 4.44 5.97 -2.81
C VAL B 76 4.68 6.56 -1.42
N SER B 77 4.41 5.77 -0.37
CA SER B 77 4.57 6.24 1.00
C SER B 77 4.70 5.09 1.98
N ILE B 78 5.29 5.36 3.15
CA ILE B 78 5.29 4.45 4.29
C ILE B 78 4.96 5.29 5.52
N VAL B 79 3.71 5.16 5.96
CA VAL B 79 3.15 5.92 7.06
C VAL B 79 3.59 5.33 8.40
N TYR B 80 4.18 6.22 9.21
CA TYR B 80 4.63 6.05 10.58
C TYR B 80 5.56 7.20 10.95
N ASP B 81 6.11 7.19 12.17
CA ASP B 81 7.12 8.17 12.57
C ASP B 81 8.35 7.51 13.19
N GLN B 82 9.38 8.34 13.33
CA GLN B 82 10.72 8.00 13.73
C GLN B 82 10.86 7.70 15.23
N GLN B 83 9.74 7.51 15.95
CA GLN B 83 9.80 7.33 17.39
C GLN B 83 10.43 5.99 17.75
N SER B 84 9.74 4.91 17.38
CA SER B 84 10.13 3.54 17.63
C SER B 84 9.26 2.61 16.79
N ARG B 85 9.26 1.32 17.13
CA ARG B 85 8.39 0.32 16.49
C ARG B 85 6.91 0.58 16.77
N ARG B 86 6.62 1.73 17.38
CA ARG B 86 5.28 2.23 17.65
C ARG B 86 4.52 2.55 16.38
N SER B 87 5.31 2.71 15.34
CA SER B 87 4.99 2.98 13.96
C SER B 87 3.70 2.28 13.52
N ARG B 88 2.88 2.98 12.72
CA ARG B 88 1.71 2.38 12.08
C ARG B 88 2.19 1.24 11.19
N GLY B 89 3.46 1.31 10.77
CA GLY B 89 4.19 0.23 10.13
C GLY B 89 3.68 -0.19 8.77
N PHE B 90 3.07 0.72 8.00
CA PHE B 90 2.50 0.31 6.72
C PHE B 90 2.69 1.37 5.64
N ALA B 91 2.13 1.12 4.45
CA ALA B 91 2.47 1.89 3.28
C ALA B 91 1.31 2.08 2.31
N PHE B 92 1.55 2.92 1.31
CA PHE B 92 0.59 3.23 0.26
C PHE B 92 1.33 3.35 -1.07
N VAL B 93 0.62 3.08 -2.16
CA VAL B 93 1.13 3.20 -3.52
C VAL B 93 0.04 3.80 -4.38
N TYR B 94 0.43 4.64 -5.34
CA TYR B 94 -0.52 5.38 -6.14
C TYR B 94 -0.18 5.21 -7.63
N PHE B 95 -1.21 5.00 -8.45
CA PHE B 95 -1.03 4.69 -9.86
C PHE B 95 -1.69 5.77 -10.71
N GLU B 96 -1.24 5.91 -11.95
CA GLU B 96 -1.73 6.94 -12.85
C GLU B 96 -2.94 6.45 -13.65
N ASN B 97 -3.08 5.13 -13.72
CA ASN B 97 -4.18 4.46 -14.39
C ASN B 97 -4.56 3.19 -13.64
N VAL B 98 -5.87 2.91 -13.59
CA VAL B 98 -6.40 1.77 -12.83
C VAL B 98 -6.88 0.69 -13.79
N ASP B 99 -7.01 1.05 -15.07
CA ASP B 99 -7.29 0.08 -16.13
C ASP B 99 -6.13 -0.90 -16.28
N ASP B 100 -5.05 -0.69 -15.50
CA ASP B 100 -3.89 -1.56 -15.50
C ASP B 100 -3.36 -1.77 -14.08
N ALA B 101 -3.57 -0.82 -13.16
CA ALA B 101 -3.16 -1.01 -11.77
C ALA B 101 -4.00 -2.07 -11.08
N LYS B 102 -5.15 -2.44 -11.66
CA LYS B 102 -5.99 -3.49 -11.11
C LYS B 102 -5.23 -4.82 -11.06
N GLU B 103 -4.27 -5.01 -11.95
CA GLU B 103 -3.44 -6.20 -11.98
C GLU B 103 -2.45 -6.18 -10.82
N ALA B 104 -1.97 -4.99 -10.43
CA ALA B 104 -1.02 -4.88 -9.33
C ALA B 104 -1.67 -5.27 -8.00
N LYS B 105 -3.00 -5.14 -7.92
CA LYS B 105 -3.73 -5.46 -6.71
C LYS B 105 -3.88 -6.96 -6.59
N GLU B 106 -4.28 -7.59 -7.69
CA GLU B 106 -4.65 -9.00 -7.68
C GLU B 106 -3.41 -9.91 -7.67
N ARG B 107 -2.24 -9.41 -8.08
CA ARG B 107 -1.03 -10.21 -8.16
C ARG B 107 -0.15 -10.06 -6.92
N ALA B 108 0.08 -8.82 -6.49
CA ALA B 108 1.02 -8.54 -5.42
C ALA B 108 0.44 -8.82 -4.03
N ASN B 109 -0.83 -9.20 -3.94
CA ASN B 109 -1.44 -9.52 -2.65
C ASN B 109 -0.88 -10.84 -2.11
N GLY B 110 -0.65 -10.89 -0.79
CA GLY B 110 -0.16 -12.07 -0.10
C GLY B 110 1.23 -12.55 -0.56
N MET B 111 1.90 -11.80 -1.43
CA MET B 111 3.24 -12.18 -1.87
C MET B 111 4.20 -12.22 -0.68
N GLU B 112 5.32 -12.93 -0.84
CA GLU B 112 6.36 -12.92 0.18
C GLU B 112 7.21 -11.67 0.00
N LEU B 113 7.41 -10.95 1.09
CA LEU B 113 8.14 -9.69 1.11
C LEU B 113 8.80 -9.42 2.44
N ASP B 114 8.18 -9.92 3.52
CA ASP B 114 8.63 -9.75 4.88
C ASP B 114 8.35 -11.05 5.63
N GLY B 115 8.11 -12.13 4.89
CA GLY B 115 7.76 -13.42 5.45
C GLY B 115 6.40 -13.37 6.13
N ARG B 116 5.52 -12.44 5.72
CA ARG B 116 4.24 -12.24 6.39
C ARG B 116 3.03 -12.43 5.47
N ARG B 117 3.27 -12.65 4.17
CA ARG B 117 2.19 -12.77 3.19
C ARG B 117 1.29 -11.55 3.31
N ILE B 118 1.84 -10.43 2.83
CA ILE B 118 1.35 -9.06 3.01
C ILE B 118 -0.05 -8.84 2.46
N ARG B 119 -0.61 -7.65 2.72
CA ARG B 119 -1.91 -7.27 2.19
C ARG B 119 -1.71 -6.15 1.17
N VAL B 120 -2.28 -6.29 -0.02
CA VAL B 120 -2.09 -5.33 -1.09
C VAL B 120 -3.37 -5.15 -1.89
N ASP B 121 -3.91 -3.93 -1.89
CA ASP B 121 -5.14 -3.58 -2.58
C ASP B 121 -5.48 -2.11 -2.32
N PHE B 122 -6.72 -1.72 -2.63
CA PHE B 122 -7.20 -0.37 -2.33
C PHE B 122 -6.92 -0.01 -0.87
N SER B 123 -6.60 1.25 -0.62
CA SER B 123 -6.08 1.70 0.67
C SER B 123 -7.12 2.28 1.62
N ILE B 124 -8.40 2.30 1.25
CA ILE B 124 -9.44 2.92 2.08
C ILE B 124 -9.20 4.43 2.24
N THR B 125 -8.22 4.99 1.52
CA THR B 125 -7.83 6.39 1.63
C THR B 125 -7.44 6.90 0.25
N LYS B 126 -7.13 8.19 0.12
CA LYS B 126 -6.87 8.76 -1.19
C LYS B 126 -5.56 9.55 -1.28
N ARG B 127 -4.98 9.95 -0.13
CA ARG B 127 -3.68 10.61 -0.06
C ARG B 127 -3.35 10.92 1.40
N PRO B 128 -2.12 11.38 1.70
CA PRO B 128 -1.72 11.71 3.06
C PRO B 128 -2.60 12.81 3.67
N HIS B 129 -2.59 12.81 5.00
CA HIS B 129 -3.28 13.69 5.94
C HIS B 129 -3.19 15.17 5.54
N ARG B 35 -11.07 14.83 13.37
CA ARG B 35 -11.32 14.76 11.91
C ARG B 35 -10.69 13.50 11.32
N HIS B 36 -10.96 13.24 10.04
CA HIS B 36 -10.46 12.06 9.33
C HIS B 36 -10.35 12.37 7.85
N VAL B 37 -9.79 11.42 7.08
CA VAL B 37 -9.61 11.55 5.64
C VAL B 37 -10.00 10.28 4.91
N GLY B 38 -10.42 9.25 5.66
CA GLY B 38 -10.88 7.98 5.11
C GLY B 38 -10.46 6.83 6.02
N ASN B 39 -9.39 7.06 6.81
CA ASN B 39 -8.83 6.09 7.73
C ASN B 39 -9.88 5.44 8.60
N ARG B 40 -10.20 4.18 8.25
CA ARG B 40 -11.04 3.32 9.07
C ARG B 40 -12.38 3.97 9.40
N ALA B 41 -12.84 4.86 8.53
CA ALA B 41 -14.08 5.60 8.71
C ALA B 41 -14.78 5.89 7.38
N ASN B 42 -14.39 5.18 6.31
CA ASN B 42 -14.91 5.44 4.99
C ASN B 42 -14.74 4.19 4.11
N PRO B 43 -15.60 3.96 3.11
CA PRO B 43 -15.46 2.85 2.18
C PRO B 43 -14.19 2.99 1.33
N ASP B 44 -13.83 1.91 0.63
CA ASP B 44 -12.60 1.87 -0.17
C ASP B 44 -12.61 2.89 -1.30
N PRO B 45 -11.43 3.42 -1.66
CA PRO B 45 -11.24 4.33 -2.76
C PRO B 45 -11.19 3.57 -4.09
N ASN B 46 -10.78 4.25 -5.17
CA ASN B 46 -10.63 3.65 -6.47
C ASN B 46 -9.38 4.19 -7.17
N CYS B 47 -8.52 4.91 -6.44
CA CYS B 47 -7.33 5.56 -6.99
C CYS B 47 -6.13 5.42 -6.06
N CYS B 48 -6.21 4.57 -5.03
CA CYS B 48 -5.11 4.33 -4.12
C CYS B 48 -5.06 2.86 -3.75
N LEU B 49 -3.84 2.32 -3.66
CA LEU B 49 -3.55 0.97 -3.25
C LEU B 49 -2.55 1.05 -2.11
N GLY B 50 -1.99 -0.06 -1.65
CA GLY B 50 -0.97 0.00 -0.63
C GLY B 50 -0.43 -1.37 -0.27
N VAL B 51 0.52 -1.35 0.67
CA VAL B 51 1.27 -2.52 1.14
C VAL B 51 1.19 -2.51 2.65
N PHE B 52 -0.03 -2.73 3.15
CA PHE B 52 -0.35 -2.70 4.56
C PHE B 52 0.29 -3.90 5.27
N GLY B 53 0.49 -3.79 6.59
CA GLY B 53 1.00 -4.90 7.36
C GLY B 53 2.09 -4.48 8.34
N LEU B 54 2.79 -5.50 8.83
CA LEU B 54 3.99 -5.37 9.66
C LEU B 54 5.20 -5.71 8.81
N SER B 55 5.10 -5.35 7.53
CA SER B 55 6.10 -5.54 6.51
C SER B 55 7.29 -4.60 6.67
N LEU B 56 7.72 -4.36 7.92
CA LEU B 56 8.82 -3.47 8.25
C LEU B 56 10.11 -3.84 7.49
N TYR B 57 10.16 -5.05 6.91
CA TYR B 57 11.33 -5.52 6.18
C TYR B 57 11.41 -4.94 4.76
N THR B 58 10.50 -4.03 4.41
CA THR B 58 10.47 -3.45 3.06
C THR B 58 10.50 -1.92 3.12
N THR B 59 10.90 -1.28 2.02
CA THR B 59 11.05 0.15 1.90
C THR B 59 10.50 0.60 0.55
N GLU B 60 10.12 1.87 0.43
CA GLU B 60 9.53 2.46 -0.76
C GLU B 60 10.31 2.16 -2.04
N ARG B 61 11.64 2.04 -1.96
CA ARG B 61 12.48 1.82 -3.11
C ARG B 61 12.23 0.45 -3.75
N ASP B 62 11.92 -0.55 -2.92
CA ASP B 62 11.64 -1.89 -3.40
C ASP B 62 10.25 -1.94 -3.99
N LEU B 63 9.28 -1.31 -3.32
CA LEU B 63 7.89 -1.30 -3.74
C LEU B 63 7.73 -0.56 -5.07
N ARG B 64 8.61 0.41 -5.34
CA ARG B 64 8.54 1.16 -6.58
C ARG B 64 8.79 0.27 -7.79
N GLU B 65 9.56 -0.80 -7.61
CA GLU B 65 9.94 -1.69 -8.70
C GLU B 65 8.99 -2.87 -8.81
N VAL B 66 8.48 -3.32 -7.68
CA VAL B 66 7.58 -4.46 -7.66
C VAL B 66 6.17 -4.06 -8.07
N PHE B 67 5.91 -2.74 -8.18
CA PHE B 67 4.60 -2.28 -8.60
C PHE B 67 4.65 -1.58 -9.96
N SER B 68 5.80 -1.02 -10.35
CA SER B 68 5.96 -0.39 -11.64
C SER B 68 5.98 -1.43 -12.76
N LYS B 69 6.10 -2.72 -12.41
CA LYS B 69 6.11 -3.80 -13.38
C LYS B 69 4.70 -4.19 -13.80
N TYR B 70 3.73 -3.97 -12.90
CA TYR B 70 2.33 -4.26 -13.18
C TYR B 70 1.61 -3.08 -13.83
N GLY B 71 2.26 -1.91 -13.89
CA GLY B 71 1.67 -0.72 -14.47
C GLY B 71 2.43 0.54 -14.05
N PRO B 72 1.98 1.72 -14.48
CA PRO B 72 2.61 2.98 -14.14
C PRO B 72 2.35 3.32 -12.68
N ILE B 73 3.13 4.25 -12.12
CA ILE B 73 3.04 4.63 -10.71
C ILE B 73 3.00 6.15 -10.61
N ALA B 74 2.30 6.67 -9.59
CA ALA B 74 2.23 8.09 -9.34
C ALA B 74 3.04 8.44 -8.09
N ASP B 75 2.89 7.64 -7.04
CA ASP B 75 3.57 7.87 -5.76
C ASP B 75 3.64 6.59 -4.95
N VAL B 76 4.38 6.64 -3.83
CA VAL B 76 4.52 5.54 -2.89
C VAL B 76 4.80 6.13 -1.51
N SER B 77 4.40 5.42 -0.46
CA SER B 77 4.58 5.92 0.90
C SER B 77 4.64 4.77 1.90
N ILE B 78 5.37 4.96 3.01
CA ILE B 78 5.36 4.08 4.15
C ILE B 78 5.20 4.97 5.37
N VAL B 79 4.23 4.65 6.21
CA VAL B 79 3.92 5.47 7.37
C VAL B 79 4.02 4.68 8.65
N TYR B 80 4.49 5.36 9.69
CA TYR B 80 4.72 4.75 10.99
C TYR B 80 4.99 5.82 12.04
N ASP B 81 5.93 6.71 11.73
CA ASP B 81 6.35 7.86 12.51
C ASP B 81 6.50 7.61 14.02
N GLN B 82 6.73 8.70 14.76
CA GLN B 82 6.90 8.78 16.19
C GLN B 82 5.58 8.59 16.94
N GLN B 83 4.60 7.97 16.29
CA GLN B 83 3.25 7.81 16.80
C GLN B 83 3.24 7.12 18.16
N SER B 84 3.96 6.00 18.21
CA SER B 84 4.15 5.19 19.40
C SER B 84 5.63 4.85 19.55
N ARG B 85 5.94 4.01 20.53
CA ARG B 85 7.32 3.59 20.82
C ARG B 85 7.94 2.76 19.69
N ARG B 86 7.13 2.51 18.67
CA ARG B 86 7.54 1.85 17.44
C ARG B 86 6.68 2.26 16.27
N SER B 87 7.13 1.83 15.10
CA SER B 87 6.52 2.10 13.82
C SER B 87 5.23 1.29 13.60
N ARG B 88 4.27 1.86 12.86
CA ARG B 88 3.07 1.13 12.45
C ARG B 88 3.42 0.11 11.36
N GLY B 89 4.45 0.42 10.57
CA GLY B 89 5.05 -0.53 9.64
C GLY B 89 4.29 -0.77 8.35
N PHE B 90 3.43 0.16 7.91
CA PHE B 90 2.56 -0.09 6.77
C PHE B 90 2.64 1.02 5.73
N ALA B 91 2.11 0.74 4.54
CA ALA B 91 2.37 1.60 3.41
C ALA B 91 1.16 1.81 2.50
N PHE B 92 1.35 2.73 1.55
CA PHE B 92 0.38 3.05 0.52
C PHE B 92 1.12 3.22 -0.81
N VAL B 93 0.40 3.03 -1.92
CA VAL B 93 0.93 3.18 -3.27
C VAL B 93 -0.13 3.86 -4.13
N TYR B 94 0.31 4.59 -5.14
CA TYR B 94 -0.58 5.37 -5.98
C TYR B 94 -0.23 5.15 -7.45
N PHE B 95 -1.25 5.20 -8.30
CA PHE B 95 -1.16 4.82 -9.71
C PHE B 95 -1.73 5.94 -10.57
N GLU B 96 -1.52 5.84 -11.89
CA GLU B 96 -1.95 6.86 -12.84
C GLU B 96 -3.07 6.34 -13.73
N ASN B 97 -3.23 5.02 -13.72
CA ASN B 97 -4.28 4.31 -14.43
C ASN B 97 -4.75 3.13 -13.58
N VAL B 98 -6.05 2.88 -13.60
CA VAL B 98 -6.65 1.81 -12.79
C VAL B 98 -6.97 0.61 -13.67
N ASP B 99 -6.90 0.79 -15.00
CA ASP B 99 -7.03 -0.30 -15.95
C ASP B 99 -5.82 -1.23 -15.84
N ASP B 100 -4.84 -0.88 -14.99
CA ASP B 100 -3.66 -1.68 -14.76
C ASP B 100 -3.34 -1.76 -13.27
N ALA B 101 -3.75 -0.78 -12.47
CA ALA B 101 -3.57 -0.85 -11.02
C ALA B 101 -4.37 -2.01 -10.44
N LYS B 102 -5.47 -2.38 -11.11
CA LYS B 102 -6.32 -3.47 -10.68
C LYS B 102 -5.58 -4.80 -10.72
N GLU B 103 -4.61 -4.95 -11.63
CA GLU B 103 -3.83 -6.16 -11.72
C GLU B 103 -2.70 -6.14 -10.70
N ALA B 104 -2.17 -4.95 -10.39
CA ALA B 104 -1.13 -4.85 -9.37
C ALA B 104 -1.67 -5.29 -8.01
N LYS B 105 -2.99 -5.18 -7.82
CA LYS B 105 -3.66 -5.58 -6.59
C LYS B 105 -3.77 -7.10 -6.57
N GLU B 106 -4.27 -7.66 -7.65
CA GLU B 106 -4.60 -9.07 -7.71
C GLU B 106 -3.36 -9.96 -7.79
N ARG B 107 -2.22 -9.43 -8.24
CA ARG B 107 -0.99 -10.21 -8.39
C ARG B 107 -0.12 -10.13 -7.16
N ALA B 108 0.08 -8.92 -6.63
CA ALA B 108 1.04 -8.70 -5.55
C ALA B 108 0.47 -8.98 -4.16
N ASN B 109 -0.82 -9.28 -4.04
CA ASN B 109 -1.38 -9.56 -2.72
C ASN B 109 -0.86 -10.89 -2.19
N GLY B 110 -0.48 -10.90 -0.90
CA GLY B 110 -0.02 -12.09 -0.20
C GLY B 110 1.24 -12.72 -0.79
N MET B 111 1.90 -12.06 -1.75
CA MET B 111 3.14 -12.60 -2.28
C MET B 111 4.20 -12.66 -1.16
N GLU B 112 5.16 -13.58 -1.27
CA GLU B 112 6.22 -13.67 -0.27
C GLU B 112 7.33 -12.70 -0.67
N LEU B 113 7.37 -11.56 0.00
CA LEU B 113 8.30 -10.47 -0.31
C LEU B 113 8.97 -9.93 0.95
N ASP B 114 8.48 -10.35 2.12
CA ASP B 114 8.95 -9.88 3.40
C ASP B 114 8.89 -11.01 4.45
N GLY B 115 8.56 -12.23 4.01
CA GLY B 115 8.46 -13.38 4.89
C GLY B 115 7.19 -13.37 5.73
N ARG B 116 6.21 -12.53 5.38
CA ARG B 116 4.98 -12.40 6.14
C ARG B 116 3.72 -12.57 5.27
N ARG B 117 3.90 -12.66 3.95
CA ARG B 117 2.80 -12.70 2.99
C ARG B 117 2.00 -11.41 3.10
N ILE B 118 2.47 -10.39 2.37
CA ILE B 118 2.05 -9.00 2.48
C ILE B 118 0.55 -8.79 2.21
N ARG B 119 0.05 -7.60 2.54
CA ARG B 119 -1.32 -7.22 2.24
C ARG B 119 -1.29 -6.13 1.19
N VAL B 120 -1.85 -6.36 0.00
CA VAL B 120 -1.78 -5.41 -1.09
C VAL B 120 -3.11 -5.30 -1.83
N ASP B 121 -3.67 -4.08 -1.82
CA ASP B 121 -4.94 -3.76 -2.45
C ASP B 121 -5.33 -2.32 -2.15
N PHE B 122 -6.58 -1.94 -2.43
CA PHE B 122 -7.07 -0.60 -2.13
C PHE B 122 -6.81 -0.24 -0.67
N SER B 123 -6.52 1.04 -0.42
CA SER B 123 -6.10 1.49 0.90
C SER B 123 -7.25 1.65 1.88
N ILE B 124 -8.16 2.59 1.60
CA ILE B 124 -9.31 3.06 2.39
C ILE B 124 -9.26 4.59 2.50
N THR B 125 -8.23 5.19 1.90
CA THR B 125 -7.93 6.62 2.01
C THR B 125 -7.53 7.18 0.65
N LYS B 126 -7.25 8.49 0.61
CA LYS B 126 -6.86 9.19 -0.60
C LYS B 126 -5.76 10.19 -0.28
N ARG B 127 -4.51 9.78 -0.52
CA ARG B 127 -3.30 10.53 -0.22
C ARG B 127 -3.14 10.86 1.28
N PRO B 128 -1.94 11.28 1.69
CA PRO B 128 -1.64 11.62 3.07
C PRO B 128 -2.56 12.71 3.62
N HIS B 129 -2.63 12.70 4.96
CA HIS B 129 -3.37 13.59 5.85
C HIS B 129 -3.33 15.05 5.41
N ARG B 35 -11.36 13.08 16.11
CA ARG B 35 -12.09 13.21 14.82
C ARG B 35 -11.21 12.75 13.66
N HIS B 36 -11.80 12.71 12.45
CA HIS B 36 -11.10 12.32 11.24
C HIS B 36 -11.70 13.02 10.03
N VAL B 37 -11.18 12.73 8.83
CA VAL B 37 -11.65 13.35 7.59
C VAL B 37 -11.82 12.32 6.47
N GLY B 38 -11.67 11.03 6.80
CA GLY B 38 -11.81 9.96 5.82
C GLY B 38 -11.21 8.64 6.31
N ASN B 39 -10.44 8.69 7.40
CA ASN B 39 -9.82 7.50 7.98
C ASN B 39 -10.85 6.41 8.22
N ARG B 40 -10.58 5.25 7.62
CA ARG B 40 -11.35 4.03 7.73
C ARG B 40 -12.87 4.26 7.72
N ALA B 41 -13.30 5.21 6.90
CA ALA B 41 -14.70 5.61 6.77
C ALA B 41 -15.04 5.93 5.32
N ASN B 42 -14.37 5.26 4.37
CA ASN B 42 -14.51 5.55 2.96
C ASN B 42 -14.26 4.30 2.11
N PRO B 43 -15.18 3.32 2.17
CA PRO B 43 -15.08 2.04 1.49
C PRO B 43 -15.28 2.16 -0.03
N ASP B 44 -15.00 3.33 -0.60
CA ASP B 44 -15.17 3.58 -2.03
C ASP B 44 -13.97 4.35 -2.60
N PRO B 45 -12.75 3.87 -2.36
CA PRO B 45 -11.52 4.53 -2.79
C PRO B 45 -11.31 4.40 -4.29
N ASN B 46 -10.32 5.13 -4.82
CA ASN B 46 -9.94 5.09 -6.22
C ASN B 46 -8.49 5.52 -6.38
N CYS B 47 -7.83 5.06 -7.45
CA CYS B 47 -6.42 5.29 -7.79
C CYS B 47 -5.44 5.22 -6.60
N CYS B 48 -5.84 4.62 -5.49
CA CYS B 48 -4.99 4.49 -4.31
C CYS B 48 -5.10 3.07 -3.79
N LEU B 49 -4.00 2.33 -3.84
CA LEU B 49 -3.91 1.00 -3.29
C LEU B 49 -3.10 1.09 -2.00
N GLY B 50 -2.94 -0.04 -1.32
CA GLY B 50 -2.20 -0.09 -0.08
C GLY B 50 -1.24 -1.26 -0.11
N VAL B 51 -0.28 -1.22 0.82
CA VAL B 51 0.71 -2.25 1.05
C VAL B 51 0.77 -2.40 2.57
N PHE B 52 -0.43 -2.61 3.12
CA PHE B 52 -0.61 -2.69 4.55
C PHE B 52 0.07 -3.94 5.12
N GLY B 53 0.16 -4.01 6.44
CA GLY B 53 0.67 -5.17 7.14
C GLY B 53 1.80 -4.81 8.08
N LEU B 54 2.09 -5.72 9.02
CA LEU B 54 3.23 -5.57 9.93
C LEU B 54 4.56 -5.80 9.21
N SER B 55 4.56 -5.65 7.88
CA SER B 55 5.73 -5.82 7.04
C SER B 55 6.62 -4.57 7.03
N LEU B 56 6.74 -3.91 8.19
CA LEU B 56 7.44 -2.65 8.36
C LEU B 56 8.87 -2.64 7.81
N TYR B 57 9.46 -3.81 7.56
CA TYR B 57 10.84 -3.90 7.10
C TYR B 57 11.02 -3.48 5.63
N THR B 58 9.93 -3.29 4.90
CA THR B 58 10.01 -2.82 3.51
C THR B 58 10.32 -1.31 3.49
N THR B 59 10.73 -0.78 2.35
CA THR B 59 11.07 0.62 2.18
C THR B 59 10.49 1.11 0.85
N GLU B 60 10.06 2.38 0.79
CA GLU B 60 9.38 2.98 -0.35
C GLU B 60 10.05 2.66 -1.69
N ARG B 61 11.37 2.52 -1.70
CA ARG B 61 12.13 2.23 -2.90
C ARG B 61 11.78 0.84 -3.44
N ASP B 62 11.56 -0.11 -2.55
CA ASP B 62 11.23 -1.48 -2.94
C ASP B 62 9.84 -1.54 -3.53
N LEU B 63 8.85 -0.90 -2.87
CA LEU B 63 7.49 -0.90 -3.33
C LEU B 63 7.37 -0.20 -4.67
N ARG B 64 8.20 0.80 -4.95
CA ARG B 64 8.07 1.58 -6.17
C ARG B 64 8.45 0.76 -7.40
N GLU B 65 9.47 -0.09 -7.27
CA GLU B 65 9.96 -0.86 -8.40
C GLU B 65 9.09 -2.06 -8.69
N VAL B 66 8.73 -2.80 -7.65
CA VAL B 66 8.04 -4.07 -7.83
C VAL B 66 6.61 -3.84 -8.28
N PHE B 67 6.04 -2.67 -7.96
CA PHE B 67 4.68 -2.36 -8.38
C PHE B 67 4.70 -1.74 -9.77
N SER B 68 5.79 -1.07 -10.15
CA SER B 68 5.95 -0.48 -11.46
C SER B 68 6.05 -1.56 -12.54
N LYS B 69 6.24 -2.83 -12.16
CA LYS B 69 6.31 -3.92 -13.12
C LYS B 69 4.92 -4.25 -13.66
N TYR B 70 3.89 -4.06 -12.83
CA TYR B 70 2.53 -4.42 -13.17
C TYR B 70 1.76 -3.26 -13.82
N GLY B 71 2.34 -2.06 -13.82
CA GLY B 71 1.70 -0.88 -14.40
C GLY B 71 2.42 0.39 -13.98
N PRO B 72 1.92 1.56 -14.40
CA PRO B 72 2.49 2.85 -14.03
C PRO B 72 2.20 3.14 -12.56
N ILE B 73 2.95 4.08 -11.98
CA ILE B 73 2.82 4.46 -10.57
C ILE B 73 2.63 5.97 -10.49
N ALA B 74 1.93 6.43 -9.45
CA ALA B 74 1.74 7.85 -9.20
C ALA B 74 2.56 8.26 -7.98
N ASP B 75 2.48 7.47 -6.90
CA ASP B 75 3.18 7.78 -5.67
C ASP B 75 3.46 6.50 -4.88
N VAL B 76 4.11 6.65 -3.72
CA VAL B 76 4.36 5.57 -2.79
C VAL B 76 4.48 6.17 -1.38
N SER B 77 4.16 5.39 -0.35
CA SER B 77 4.22 5.86 1.02
C SER B 77 4.46 4.72 2.00
N ILE B 78 5.07 5.04 3.14
CA ILE B 78 5.20 4.15 4.28
C ILE B 78 4.98 4.97 5.54
N VAL B 79 4.31 4.36 6.50
CA VAL B 79 4.18 4.88 7.85
C VAL B 79 4.78 3.81 8.77
N TYR B 80 5.55 4.22 9.79
CA TYR B 80 6.44 3.30 10.47
C TYR B 80 6.71 3.65 11.94
N ASP B 81 7.70 2.98 12.55
CA ASP B 81 8.13 3.23 13.92
C ASP B 81 9.60 3.60 14.00
N GLN B 82 10.00 3.98 15.21
CA GLN B 82 11.32 4.37 15.59
C GLN B 82 11.76 3.71 16.90
N GLN B 83 10.85 3.56 17.88
CA GLN B 83 11.12 2.87 19.10
C GLN B 83 9.80 2.62 19.84
N SER B 84 9.03 3.69 20.13
CA SER B 84 7.77 3.61 20.87
C SER B 84 6.83 4.77 20.54
N ARG B 85 7.20 5.64 19.59
CA ARG B 85 6.47 6.84 19.23
C ARG B 85 6.10 6.81 17.75
N ARG B 86 5.74 5.60 17.30
CA ARG B 86 5.49 5.29 15.89
C ARG B 86 4.55 6.24 15.16
N SER B 87 4.82 6.32 13.86
CA SER B 87 4.00 6.94 12.85
C SER B 87 2.81 6.03 12.54
N ARG B 88 3.09 4.73 12.66
CA ARG B 88 2.21 3.56 12.59
C ARG B 88 3.10 2.35 12.27
N GLY B 89 2.83 1.63 11.17
CA GLY B 89 3.63 0.46 10.81
C GLY B 89 3.08 -0.28 9.58
N PHE B 90 2.90 0.42 8.46
CA PHE B 90 2.44 -0.18 7.23
C PHE B 90 2.74 0.75 6.05
N ALA B 91 2.23 0.47 4.85
CA ALA B 91 2.53 1.29 3.70
C ALA B 91 1.37 1.39 2.70
N PHE B 92 1.56 2.26 1.70
CA PHE B 92 0.62 2.41 0.59
C PHE B 92 1.40 2.61 -0.72
N VAL B 93 0.71 2.40 -1.85
CA VAL B 93 1.21 2.68 -3.20
C VAL B 93 0.06 3.24 -4.02
N TYR B 94 0.37 4.12 -4.98
CA TYR B 94 -0.66 4.87 -5.68
C TYR B 94 -0.43 4.78 -7.19
N PHE B 95 -1.51 4.92 -7.97
CA PHE B 95 -1.49 4.65 -9.39
C PHE B 95 -2.16 5.78 -10.16
N GLU B 96 -2.05 5.75 -11.50
CA GLU B 96 -2.62 6.79 -12.35
C GLU B 96 -3.66 6.22 -13.31
N ASN B 97 -3.71 4.89 -13.44
CA ASN B 97 -4.67 4.20 -14.24
C ASN B 97 -5.05 2.90 -13.54
N VAL B 98 -6.35 2.63 -13.43
CA VAL B 98 -6.86 1.44 -12.79
C VAL B 98 -6.97 0.30 -13.80
N ASP B 99 -6.86 0.64 -15.09
CA ASP B 99 -6.80 -0.35 -16.17
C ASP B 99 -5.53 -1.19 -16.06
N ASP B 100 -4.64 -0.83 -15.13
CA ASP B 100 -3.41 -1.57 -14.88
C ASP B 100 -3.15 -1.71 -13.39
N ALA B 101 -3.71 -0.84 -12.54
CA ALA B 101 -3.55 -0.98 -11.10
C ALA B 101 -4.28 -2.23 -10.60
N LYS B 102 -5.29 -2.68 -11.34
CA LYS B 102 -6.04 -3.89 -10.99
C LYS B 102 -5.16 -5.13 -11.09
N GLU B 103 -4.16 -5.11 -11.98
CA GLU B 103 -3.25 -6.22 -12.12
C GLU B 103 -2.24 -6.21 -10.97
N ALA B 104 -1.79 -5.02 -10.58
CA ALA B 104 -0.84 -4.89 -9.48
C ALA B 104 -1.49 -5.28 -8.16
N LYS B 105 -2.83 -5.23 -8.10
CA LYS B 105 -3.58 -5.53 -6.89
C LYS B 105 -3.64 -7.04 -6.71
N GLU B 106 -4.01 -7.74 -7.79
CA GLU B 106 -4.29 -9.15 -7.72
C GLU B 106 -3.01 -10.00 -7.71
N ARG B 107 -1.88 -9.44 -8.18
CA ARG B 107 -0.63 -10.17 -8.27
C ARG B 107 0.25 -9.96 -7.05
N ALA B 108 0.41 -8.70 -6.63
CA ALA B 108 1.33 -8.37 -5.56
C ALA B 108 0.74 -8.63 -4.17
N ASN B 109 -0.51 -9.07 -4.08
CA ASN B 109 -1.11 -9.39 -2.80
C ASN B 109 -0.57 -10.72 -2.28
N GLY B 110 -0.25 -10.77 -0.98
CA GLY B 110 0.23 -11.96 -0.31
C GLY B 110 1.55 -12.50 -0.84
N MET B 111 2.21 -11.79 -1.77
CA MET B 111 3.50 -12.25 -2.26
C MET B 111 4.51 -12.31 -1.11
N GLU B 112 5.51 -13.18 -1.23
CA GLU B 112 6.55 -13.27 -0.22
C GLU B 112 7.58 -12.18 -0.48
N LEU B 113 7.78 -11.33 0.54
CA LEU B 113 8.67 -10.16 0.43
C LEU B 113 9.53 -9.99 1.67
N ASP B 114 9.02 -10.43 2.82
CA ASP B 114 9.70 -10.37 4.10
C ASP B 114 9.35 -11.62 4.91
N GLY B 115 8.74 -12.61 4.24
CA GLY B 115 8.27 -13.83 4.89
C GLY B 115 6.95 -13.59 5.61
N ARG B 116 6.23 -12.51 5.25
CA ARG B 116 5.02 -12.11 5.96
C ARG B 116 3.76 -12.18 5.11
N ARG B 117 3.93 -12.44 3.80
CA ARG B 117 2.84 -12.51 2.84
C ARG B 117 1.97 -11.25 2.92
N ILE B 118 2.47 -10.19 2.30
CA ILE B 118 1.99 -8.81 2.41
C ILE B 118 0.51 -8.64 2.06
N ARG B 119 -0.03 -7.45 2.34
CA ARG B 119 -1.43 -7.13 2.06
C ARG B 119 -1.50 -5.98 1.06
N VAL B 120 -2.04 -6.25 -0.14
CA VAL B 120 -2.06 -5.27 -1.21
C VAL B 120 -3.42 -5.23 -1.88
N ASP B 121 -4.05 -4.04 -1.85
CA ASP B 121 -5.38 -3.80 -2.42
C ASP B 121 -5.75 -2.33 -2.21
N PHE B 122 -6.88 -1.89 -2.78
CA PHE B 122 -7.38 -0.54 -2.57
C PHE B 122 -7.20 -0.13 -1.10
N SER B 123 -6.64 1.06 -0.89
CA SER B 123 -6.23 1.49 0.45
C SER B 123 -7.43 1.57 1.40
N ILE B 124 -8.36 2.50 1.10
CA ILE B 124 -9.63 2.81 1.79
C ILE B 124 -9.65 4.28 2.25
N THR B 125 -8.60 5.04 1.97
CA THR B 125 -8.47 6.39 2.53
C THR B 125 -8.01 7.44 1.51
N LYS B 126 -7.91 7.08 0.23
CA LYS B 126 -7.55 7.96 -0.89
C LYS B 126 -6.52 9.04 -0.55
N ARG B 127 -5.23 8.73 -0.73
CA ARG B 127 -4.11 9.63 -0.44
C ARG B 127 -4.03 9.99 1.05
N PRO B 128 -2.96 10.64 1.50
CA PRO B 128 -2.75 10.94 2.90
C PRO B 128 -3.79 11.91 3.46
N HIS B 129 -3.84 11.91 4.80
CA HIS B 129 -4.68 12.73 5.65
C HIS B 129 -4.73 14.19 5.20
N ARG B 35 -7.83 15.82 3.70
CA ARG B 35 -8.64 15.18 4.76
C ARG B 35 -9.77 14.38 4.14
N HIS B 36 -9.76 13.06 4.35
CA HIS B 36 -10.79 12.16 3.83
C HIS B 36 -12.11 12.31 4.59
N VAL B 37 -13.11 11.51 4.26
CA VAL B 37 -14.44 11.60 4.84
C VAL B 37 -15.00 10.20 5.16
N GLY B 38 -14.14 9.18 5.11
CA GLY B 38 -14.54 7.80 5.37
C GLY B 38 -13.39 6.97 5.93
N ASN B 39 -12.36 7.64 6.46
CA ASN B 39 -11.19 6.99 7.02
C ASN B 39 -11.56 5.87 7.97
N ARG B 40 -11.06 4.68 7.63
CA ARG B 40 -11.18 3.44 8.39
C ARG B 40 -12.55 3.19 9.02
N ALA B 41 -13.59 3.71 8.37
CA ALA B 41 -14.97 3.54 8.81
C ALA B 41 -15.93 3.42 7.62
N ASN B 42 -15.44 3.63 6.40
CA ASN B 42 -16.25 3.53 5.19
C ASN B 42 -15.37 3.37 3.95
N PRO B 43 -14.64 2.25 3.83
CA PRO B 43 -13.74 1.98 2.72
C PRO B 43 -14.39 2.16 1.35
N ASP B 44 -13.54 2.47 0.35
CA ASP B 44 -13.94 2.68 -1.03
C ASP B 44 -12.72 2.41 -1.93
N PRO B 45 -12.91 2.20 -3.24
CA PRO B 45 -11.83 2.07 -4.20
C PRO B 45 -11.09 3.40 -4.31
N ASN B 46 -9.88 3.39 -4.85
CA ASN B 46 -9.04 4.59 -4.87
C ASN B 46 -8.04 4.56 -6.02
N CYS B 47 -7.49 5.73 -6.35
CA CYS B 47 -6.46 5.89 -7.37
C CYS B 47 -5.10 5.40 -6.88
N CYS B 48 -5.06 4.85 -5.65
CA CYS B 48 -3.83 4.36 -5.06
C CYS B 48 -4.07 3.03 -4.36
N LEU B 49 -3.00 2.24 -4.27
CA LEU B 49 -2.97 0.96 -3.58
C LEU B 49 -2.03 1.13 -2.40
N GLY B 50 -1.59 0.02 -1.79
CA GLY B 50 -0.62 0.11 -0.73
C GLY B 50 -0.14 -1.27 -0.28
N VAL B 51 0.79 -1.24 0.67
CA VAL B 51 1.45 -2.42 1.22
C VAL B 51 1.26 -2.40 2.72
N PHE B 52 0.07 -2.77 3.14
CA PHE B 52 -0.35 -2.66 4.52
C PHE B 52 0.29 -3.74 5.38
N GLY B 53 0.57 -3.38 6.63
CA GLY B 53 1.33 -4.18 7.56
C GLY B 53 2.77 -4.41 7.09
N LEU B 54 3.06 -4.03 5.83
CA LEU B 54 4.36 -4.14 5.17
C LEU B 54 5.15 -5.34 5.64
N SER B 55 6.46 -5.15 5.80
CA SER B 55 7.34 -6.17 6.34
C SER B 55 8.29 -5.57 7.37
N LEU B 56 8.11 -4.27 7.65
CA LEU B 56 8.94 -3.44 8.53
C LEU B 56 10.44 -3.56 8.23
N TYR B 57 10.79 -4.10 7.05
CA TYR B 57 12.17 -4.25 6.61
C TYR B 57 12.28 -3.92 5.11
N THR B 58 11.37 -3.09 4.61
CA THR B 58 11.33 -2.68 3.20
C THR B 58 11.10 -1.17 3.13
N THR B 59 11.46 -0.55 2.00
CA THR B 59 11.39 0.88 1.80
C THR B 59 10.78 1.17 0.42
N GLU B 60 10.28 2.40 0.23
CA GLU B 60 9.62 2.84 -0.98
C GLU B 60 10.34 2.44 -2.27
N ARG B 61 11.68 2.42 -2.24
CA ARG B 61 12.48 2.14 -3.43
C ARG B 61 12.32 0.72 -3.92
N ASP B 62 12.17 -0.23 -2.99
CA ASP B 62 11.99 -1.63 -3.35
C ASP B 62 10.57 -1.89 -3.84
N LEU B 63 9.58 -1.28 -3.16
CA LEU B 63 8.19 -1.45 -3.49
C LEU B 63 7.88 -0.84 -4.85
N ARG B 64 8.63 0.20 -5.23
CA ARG B 64 8.41 0.88 -6.50
C ARG B 64 8.72 -0.05 -7.67
N GLU B 65 9.55 -1.07 -7.46
CA GLU B 65 9.94 -2.00 -8.50
C GLU B 65 8.99 -3.18 -8.57
N VAL B 66 8.44 -3.55 -7.41
CA VAL B 66 7.54 -4.69 -7.34
C VAL B 66 6.16 -4.31 -7.84
N PHE B 67 5.89 -3.01 -7.99
CA PHE B 67 4.59 -2.56 -8.45
C PHE B 67 4.66 -1.97 -9.85
N SER B 68 5.82 -1.47 -10.27
CA SER B 68 5.98 -0.90 -11.59
C SER B 68 5.93 -1.98 -12.68
N LYS B 69 5.98 -3.26 -12.30
CA LYS B 69 5.91 -4.33 -13.28
C LYS B 69 4.47 -4.60 -13.69
N TYR B 70 3.56 -4.48 -12.71
CA TYR B 70 2.14 -4.69 -12.94
C TYR B 70 1.48 -3.51 -13.67
N GLY B 71 2.19 -2.38 -13.80
CA GLY B 71 1.64 -1.21 -14.46
C GLY B 71 2.43 0.05 -14.10
N PRO B 72 1.99 1.21 -14.58
CA PRO B 72 2.62 2.49 -14.31
C PRO B 72 2.41 2.90 -12.85
N ILE B 73 3.26 3.80 -12.35
CA ILE B 73 3.23 4.24 -10.96
C ILE B 73 3.28 5.77 -10.91
N ALA B 74 2.70 6.36 -9.87
CA ALA B 74 2.77 7.79 -9.65
C ALA B 74 3.69 8.10 -8.48
N ASP B 75 3.60 7.30 -7.41
CA ASP B 75 4.48 7.45 -6.25
C ASP B 75 4.37 6.27 -5.30
N VAL B 76 5.03 6.38 -4.14
CA VAL B 76 4.98 5.41 -3.06
C VAL B 76 5.10 6.18 -1.74
N SER B 77 4.58 5.60 -0.65
CA SER B 77 4.62 6.20 0.67
C SER B 77 4.72 5.11 1.72
N ILE B 78 5.30 5.43 2.88
CA ILE B 78 5.36 4.54 4.04
C ILE B 78 5.09 5.37 5.27
N VAL B 79 4.35 4.79 6.22
CA VAL B 79 3.91 5.46 7.42
C VAL B 79 4.43 4.78 8.70
N TYR B 80 4.72 5.65 9.68
CA TYR B 80 5.29 5.34 10.98
C TYR B 80 4.50 6.11 12.05
N ASP B 81 4.97 6.08 13.30
CA ASP B 81 4.34 6.81 14.40
C ASP B 81 5.36 7.57 15.25
N GLN B 82 4.80 8.36 16.16
CA GLN B 82 5.50 9.21 17.09
C GLN B 82 4.94 9.13 18.51
N GLN B 83 3.75 8.57 18.69
CA GLN B 83 3.13 8.43 20.00
C GLN B 83 3.73 7.25 20.75
N SER B 84 3.72 6.09 20.10
CA SER B 84 4.37 4.88 20.55
C SER B 84 5.89 5.02 20.43
N ARG B 85 6.60 3.89 20.37
CA ARG B 85 8.04 3.84 20.25
C ARG B 85 8.47 2.96 19.09
N ARG B 86 7.50 2.59 18.25
CA ARG B 86 7.70 1.82 17.04
C ARG B 86 6.85 2.40 15.91
N SER B 87 7.05 1.86 14.72
CA SER B 87 6.37 2.23 13.51
C SER B 87 4.97 1.62 13.41
N ARG B 88 4.11 2.23 12.59
CA ARG B 88 2.83 1.61 12.21
C ARG B 88 3.14 0.50 11.21
N GLY B 89 4.33 0.57 10.61
CA GLY B 89 4.87 -0.48 9.76
C GLY B 89 4.02 -0.72 8.51
N PHE B 90 3.53 0.33 7.85
CA PHE B 90 2.65 0.13 6.71
C PHE B 90 2.83 1.21 5.67
N ALA B 91 2.27 1.01 4.48
CA ALA B 91 2.60 1.84 3.35
C ALA B 91 1.47 1.98 2.33
N PHE B 92 1.74 2.85 1.35
CA PHE B 92 0.86 3.08 0.21
C PHE B 92 1.69 3.15 -1.08
N VAL B 93 1.02 2.98 -2.22
CA VAL B 93 1.63 3.07 -3.55
C VAL B 93 0.63 3.77 -4.48
N TYR B 94 1.02 4.89 -5.10
CA TYR B 94 0.10 5.65 -5.92
C TYR B 94 0.20 5.19 -7.37
N PHE B 95 -0.92 5.25 -8.10
CA PHE B 95 -1.00 4.81 -9.48
C PHE B 95 -1.62 5.93 -10.33
N GLU B 96 -1.54 5.79 -11.65
CA GLU B 96 -2.00 6.84 -12.57
C GLU B 96 -3.26 6.43 -13.30
N ASN B 97 -3.55 5.13 -13.30
CA ASN B 97 -4.74 4.55 -13.89
C ASN B 97 -5.18 3.35 -13.07
N VAL B 98 -6.49 3.16 -12.93
CA VAL B 98 -7.03 2.08 -12.11
C VAL B 98 -7.64 1.01 -13.02
N ASP B 99 -7.84 1.35 -14.29
CA ASP B 99 -8.25 0.38 -15.31
C ASP B 99 -7.15 -0.66 -15.52
N ASP B 100 -6.01 -0.49 -14.83
CA ASP B 100 -4.88 -1.40 -14.92
C ASP B 100 -4.24 -1.62 -13.56
N ALA B 101 -4.35 -0.66 -12.62
CA ALA B 101 -3.85 -0.87 -11.28
C ALA B 101 -4.65 -1.94 -10.53
N LYS B 102 -5.88 -2.23 -11.01
CA LYS B 102 -6.69 -3.27 -10.40
C LYS B 102 -6.01 -4.64 -10.50
N GLU B 103 -5.13 -4.81 -11.48
CA GLU B 103 -4.37 -6.04 -11.63
C GLU B 103 -3.20 -6.06 -10.64
N ALA B 104 -2.64 -4.89 -10.31
CA ALA B 104 -1.49 -4.84 -9.43
C ALA B 104 -1.86 -5.22 -8.00
N LYS B 105 -3.09 -4.95 -7.56
CA LYS B 105 -3.49 -5.36 -6.22
C LYS B 105 -3.84 -6.83 -6.22
N GLU B 106 -4.60 -7.24 -7.23
CA GLU B 106 -5.18 -8.56 -7.18
C GLU B 106 -4.11 -9.64 -7.32
N ARG B 107 -2.95 -9.30 -7.89
CA ARG B 107 -1.84 -10.22 -8.06
C ARG B 107 -0.88 -10.20 -6.88
N ALA B 108 -0.51 -8.99 -6.43
CA ALA B 108 0.52 -8.82 -5.41
C ALA B 108 0.00 -9.04 -3.99
N ASN B 109 -1.31 -9.24 -3.82
CA ASN B 109 -1.86 -9.48 -2.49
C ASN B 109 -1.32 -10.81 -1.95
N GLY B 110 -0.92 -10.82 -0.68
CA GLY B 110 -0.39 -12.00 -0.01
C GLY B 110 0.89 -12.53 -0.65
N MET B 111 1.52 -11.77 -1.55
CA MET B 111 2.77 -12.20 -2.16
C MET B 111 3.84 -12.43 -1.09
N GLU B 112 4.90 -13.17 -1.45
CA GLU B 112 6.00 -13.41 -0.55
C GLU B 112 7.05 -12.32 -0.75
N LEU B 113 7.57 -11.83 0.37
CA LEU B 113 8.59 -10.79 0.40
C LEU B 113 9.54 -10.98 1.57
N ASP B 114 9.02 -11.55 2.66
CA ASP B 114 9.79 -11.96 3.82
C ASP B 114 9.12 -13.18 4.47
N GLY B 115 8.16 -13.79 3.77
CA GLY B 115 7.38 -14.92 4.27
C GLY B 115 6.11 -14.45 4.96
N ARG B 116 5.84 -13.15 4.98
CA ARG B 116 4.74 -12.56 5.73
C ARG B 116 3.37 -12.69 5.06
N ARG B 117 3.35 -13.02 3.76
CA ARG B 117 2.12 -12.95 2.96
C ARG B 117 1.46 -11.58 3.20
N ILE B 118 2.12 -10.55 2.68
CA ILE B 118 1.84 -9.14 2.93
C ILE B 118 0.47 -8.73 2.42
N ARG B 119 0.00 -7.54 2.79
CA ARG B 119 -1.32 -7.08 2.33
C ARG B 119 -1.10 -6.06 1.23
N VAL B 120 -1.81 -6.22 0.10
CA VAL B 120 -1.67 -5.29 -1.03
C VAL B 120 -3.02 -5.09 -1.71
N ASP B 121 -3.50 -3.85 -1.73
CA ASP B 121 -4.81 -3.54 -2.30
C ASP B 121 -5.02 -2.02 -2.35
N PHE B 122 -6.17 -1.57 -2.85
CA PHE B 122 -6.56 -0.17 -2.70
C PHE B 122 -6.37 0.26 -1.26
N SER B 123 -5.82 1.46 -1.04
CA SER B 123 -5.43 1.90 0.30
C SER B 123 -6.61 2.33 1.18
N ILE B 124 -7.23 3.47 0.81
CA ILE B 124 -8.29 4.24 1.50
C ILE B 124 -7.74 5.66 1.69
N THR B 125 -8.46 6.52 2.41
CA THR B 125 -8.08 7.90 2.73
C THR B 125 -7.66 8.74 1.51
N LYS B 126 -7.86 8.21 0.29
CA LYS B 126 -7.47 8.77 -0.99
C LYS B 126 -5.96 9.01 -1.14
N ARG B 127 -5.35 9.79 -0.26
CA ARG B 127 -3.93 10.12 -0.31
C ARG B 127 -3.51 10.73 1.03
N PRO B 128 -2.25 11.17 1.22
CA PRO B 128 -1.82 11.70 2.50
C PRO B 128 -2.63 12.91 2.95
N HIS B 129 -3.26 12.74 4.13
CA HIS B 129 -3.94 13.73 4.95
C HIS B 129 -3.97 15.13 4.33
N ARG B 35 -19.75 8.08 12.89
CA ARG B 35 -20.14 6.90 13.68
C ARG B 35 -20.17 5.66 12.78
N HIS B 36 -19.47 4.61 13.20
CA HIS B 36 -19.38 3.36 12.44
C HIS B 36 -19.29 2.16 13.38
N VAL B 37 -19.42 0.95 12.83
CA VAL B 37 -19.36 -0.29 13.59
C VAL B 37 -18.59 -1.37 12.83
N GLY B 38 -17.92 -0.98 11.74
CA GLY B 38 -17.17 -1.91 10.90
C GLY B 38 -16.34 -1.16 9.84
N ASN B 39 -16.08 0.13 10.07
CA ASN B 39 -15.35 0.97 9.13
C ASN B 39 -14.59 2.06 9.90
N ARG B 40 -13.69 2.75 9.19
CA ARG B 40 -12.78 3.71 9.79
C ARG B 40 -12.50 4.91 8.88
N ALA B 41 -12.73 4.77 7.57
CA ALA B 41 -12.48 5.83 6.60
C ALA B 41 -13.21 5.52 5.29
N ASN B 42 -12.99 6.33 4.26
CA ASN B 42 -13.62 6.21 2.96
C ASN B 42 -13.56 4.78 2.41
N PRO B 43 -14.69 4.06 2.39
CA PRO B 43 -14.76 2.66 2.00
C PRO B 43 -14.83 2.47 0.48
N ASP B 44 -14.62 3.53 -0.31
CA ASP B 44 -14.83 3.45 -1.75
C ASP B 44 -13.78 4.24 -2.56
N PRO B 45 -12.48 3.99 -2.35
CA PRO B 45 -11.43 4.56 -3.18
C PRO B 45 -11.40 3.85 -4.53
N ASN B 46 -10.64 4.38 -5.50
CA ASN B 46 -10.58 3.83 -6.84
C ASN B 46 -9.16 3.90 -7.45
N CYS B 47 -8.21 4.51 -6.74
CA CYS B 47 -6.85 4.68 -7.25
C CYS B 47 -5.84 4.76 -6.10
N CYS B 48 -6.20 4.24 -4.93
CA CYS B 48 -5.43 4.37 -3.71
C CYS B 48 -5.22 3.00 -3.10
N LEU B 49 -4.32 2.20 -3.69
CA LEU B 49 -4.00 0.88 -3.19
C LEU B 49 -2.97 1.03 -2.07
N GLY B 50 -2.39 -0.07 -1.60
CA GLY B 50 -1.37 0.00 -0.58
C GLY B 50 -0.75 -1.35 -0.27
N VAL B 51 0.22 -1.31 0.64
CA VAL B 51 1.02 -2.47 1.05
C VAL B 51 1.01 -2.50 2.57
N PHE B 52 -0.17 -2.79 3.11
CA PHE B 52 -0.42 -2.80 4.54
C PHE B 52 0.28 -3.99 5.18
N GLY B 53 0.41 -3.96 6.51
CA GLY B 53 0.94 -5.07 7.25
C GLY B 53 1.89 -4.63 8.35
N LEU B 54 2.70 -5.60 8.78
CA LEU B 54 3.80 -5.40 9.70
C LEU B 54 5.10 -5.79 8.99
N SER B 55 5.14 -5.51 7.68
CA SER B 55 6.29 -5.73 6.83
C SER B 55 7.36 -4.67 7.06
N LEU B 56 7.73 -4.43 8.33
CA LEU B 56 8.65 -3.38 8.78
C LEU B 56 10.05 -3.46 8.16
N TYR B 57 10.28 -4.30 7.15
CA TYR B 57 11.58 -4.48 6.53
C TYR B 57 11.54 -4.18 5.03
N THR B 58 10.49 -3.45 4.60
CA THR B 58 10.34 -2.99 3.23
C THR B 58 10.36 -1.46 3.21
N THR B 59 10.63 -0.86 2.05
CA THR B 59 10.72 0.59 1.91
C THR B 59 10.13 1.06 0.59
N GLU B 60 9.81 2.36 0.50
CA GLU B 60 9.20 2.95 -0.67
C GLU B 60 10.00 2.69 -1.94
N ARG B 61 11.33 2.63 -1.84
CA ARG B 61 12.21 2.44 -2.97
C ARG B 61 12.05 1.05 -3.58
N ASP B 62 11.78 0.06 -2.74
CA ASP B 62 11.56 -1.31 -3.18
C ASP B 62 10.17 -1.45 -3.79
N LEU B 63 9.17 -0.87 -3.13
CA LEU B 63 7.79 -0.93 -3.57
C LEU B 63 7.62 -0.22 -4.91
N ARG B 64 8.46 0.80 -5.18
CA ARG B 64 8.40 1.53 -6.42
C ARG B 64 8.70 0.62 -7.62
N GLU B 65 9.42 -0.47 -7.38
CA GLU B 65 9.79 -1.40 -8.44
C GLU B 65 8.87 -2.59 -8.47
N VAL B 66 8.39 -3.02 -7.30
CA VAL B 66 7.51 -4.17 -7.23
C VAL B 66 6.12 -3.83 -7.74
N PHE B 67 5.85 -2.55 -7.99
CA PHE B 67 4.57 -2.14 -8.53
C PHE B 67 4.69 -1.43 -9.88
N SER B 68 5.81 -0.74 -10.13
CA SER B 68 6.01 -0.09 -11.43
C SER B 68 6.09 -1.10 -12.57
N LYS B 69 6.30 -2.39 -12.24
CA LYS B 69 6.36 -3.45 -13.25
C LYS B 69 4.96 -3.86 -13.68
N TYR B 70 3.99 -3.76 -12.77
CA TYR B 70 2.60 -4.13 -13.08
C TYR B 70 1.83 -2.98 -13.72
N GLY B 71 2.36 -1.76 -13.67
CA GLY B 71 1.70 -0.60 -14.26
C GLY B 71 2.40 0.69 -13.85
N PRO B 72 1.91 1.85 -14.32
CA PRO B 72 2.46 3.15 -14.00
C PRO B 72 2.15 3.50 -12.54
N ILE B 73 2.91 4.44 -11.98
CA ILE B 73 2.77 4.82 -10.57
C ILE B 73 2.61 6.33 -10.47
N ALA B 74 1.88 6.78 -9.45
CA ALA B 74 1.70 8.20 -9.18
C ALA B 74 2.46 8.59 -7.92
N ASP B 75 2.34 7.78 -6.86
CA ASP B 75 2.99 8.04 -5.58
C ASP B 75 3.13 6.75 -4.77
N VAL B 76 3.86 6.85 -3.66
CA VAL B 76 4.07 5.74 -2.73
C VAL B 76 4.34 6.32 -1.34
N SER B 77 4.02 5.58 -0.29
CA SER B 77 4.18 6.05 1.08
C SER B 77 4.26 4.88 2.05
N ILE B 78 4.90 5.08 3.21
CA ILE B 78 4.93 4.13 4.30
C ILE B 78 4.65 4.87 5.60
N VAL B 79 3.56 4.48 6.25
CA VAL B 79 3.11 5.07 7.50
C VAL B 79 3.84 4.41 8.66
N TYR B 80 4.64 5.19 9.39
CA TYR B 80 5.31 4.73 10.59
C TYR B 80 5.96 5.90 11.32
N ASP B 81 6.29 5.74 12.60
CA ASP B 81 7.00 6.75 13.37
C ASP B 81 8.12 6.17 14.20
N GLN B 82 8.90 7.09 14.77
CA GLN B 82 10.08 6.83 15.55
C GLN B 82 9.79 6.52 17.01
N GLN B 83 8.66 7.01 17.54
CA GLN B 83 8.31 6.89 18.94
C GLN B 83 6.87 6.44 19.15
N SER B 84 5.91 7.19 18.61
CA SER B 84 4.49 6.93 18.71
C SER B 84 4.16 5.49 18.37
N ARG B 85 3.92 4.68 19.41
CA ARG B 85 3.66 3.25 19.34
C ARG B 85 4.54 2.53 18.31
N ARG B 86 5.78 3.01 18.14
CA ARG B 86 6.73 2.57 17.14
C ARG B 86 6.14 2.55 15.73
N SER B 87 6.99 2.15 14.78
CA SER B 87 6.66 2.09 13.38
C SER B 87 5.47 1.17 13.13
N ARG B 88 4.39 1.73 12.56
CA ARG B 88 3.20 0.95 12.20
C ARG B 88 3.53 -0.03 11.08
N GLY B 89 4.56 0.28 10.31
CA GLY B 89 5.14 -0.63 9.33
C GLY B 89 4.22 -0.95 8.15
N PHE B 90 3.37 -0.01 7.75
CA PHE B 90 2.40 -0.25 6.68
C PHE B 90 2.45 0.86 5.66
N ALA B 91 1.88 0.63 4.49
CA ALA B 91 2.11 1.54 3.39
C ALA B 91 0.91 1.71 2.46
N PHE B 92 1.08 2.63 1.51
CA PHE B 92 0.10 2.95 0.50
C PHE B 92 0.81 3.17 -0.82
N VAL B 93 0.09 2.93 -1.93
CA VAL B 93 0.62 3.08 -3.27
C VAL B 93 -0.46 3.71 -4.15
N TYR B 94 -0.05 4.54 -5.11
CA TYR B 94 -0.99 5.28 -5.93
C TYR B 94 -0.64 5.11 -7.40
N PHE B 95 -1.66 5.10 -8.24
CA PHE B 95 -1.55 4.74 -9.65
C PHE B 95 -2.18 5.82 -10.51
N GLU B 96 -1.91 5.77 -11.82
CA GLU B 96 -2.41 6.77 -12.77
C GLU B 96 -3.42 6.14 -13.72
N ASN B 97 -3.46 4.81 -13.73
CA ASN B 97 -4.39 4.03 -14.53
C ASN B 97 -4.84 2.82 -13.71
N VAL B 98 -6.14 2.51 -13.77
CA VAL B 98 -6.71 1.39 -13.04
C VAL B 98 -6.83 0.18 -13.97
N ASP B 99 -6.66 0.40 -15.27
CA ASP B 99 -6.60 -0.66 -16.26
C ASP B 99 -5.35 -1.52 -16.04
N ASP B 100 -4.48 -1.12 -15.10
CA ASP B 100 -3.28 -1.85 -14.76
C ASP B 100 -3.09 -1.92 -13.24
N ALA B 101 -3.67 -0.99 -12.47
CA ALA B 101 -3.58 -1.05 -11.03
C ALA B 101 -4.35 -2.27 -10.49
N LYS B 102 -5.37 -2.71 -11.23
CA LYS B 102 -6.17 -3.87 -10.84
C LYS B 102 -5.34 -5.15 -10.90
N GLU B 103 -4.33 -5.18 -11.77
CA GLU B 103 -3.46 -6.35 -11.88
C GLU B 103 -2.43 -6.33 -10.75
N ALA B 104 -1.93 -5.14 -10.39
CA ALA B 104 -0.96 -5.02 -9.32
C ALA B 104 -1.60 -5.37 -7.98
N LYS B 105 -2.94 -5.26 -7.89
CA LYS B 105 -3.68 -5.54 -6.67
C LYS B 105 -3.80 -7.03 -6.49
N GLU B 106 -4.21 -7.71 -7.56
CA GLU B 106 -4.54 -9.12 -7.48
C GLU B 106 -3.29 -10.01 -7.47
N ARG B 107 -2.17 -9.51 -7.99
CA ARG B 107 -0.95 -10.29 -8.09
C ARG B 107 -0.05 -10.12 -6.88
N ALA B 108 0.16 -8.88 -6.44
CA ALA B 108 1.11 -8.59 -5.37
C ALA B 108 0.52 -8.85 -3.98
N ASN B 109 -0.76 -9.21 -3.88
CA ASN B 109 -1.35 -9.51 -2.59
C ASN B 109 -0.82 -10.85 -2.08
N GLY B 110 -0.47 -10.90 -0.80
CA GLY B 110 0.02 -12.11 -0.14
C GLY B 110 1.31 -12.65 -0.75
N MET B 111 1.96 -11.92 -1.65
CA MET B 111 3.22 -12.38 -2.21
C MET B 111 4.28 -12.51 -1.12
N GLU B 112 5.32 -13.32 -1.37
CA GLU B 112 6.43 -13.42 -0.45
C GLU B 112 7.36 -12.24 -0.72
N LEU B 113 7.73 -11.52 0.34
CA LEU B 113 8.56 -10.33 0.24
C LEU B 113 9.48 -10.17 1.45
N ASP B 114 9.01 -10.64 2.60
CA ASP B 114 9.76 -10.61 3.85
C ASP B 114 9.44 -11.87 4.66
N GLY B 115 8.81 -12.85 4.00
CA GLY B 115 8.37 -14.07 4.64
C GLY B 115 7.08 -13.86 5.43
N ARG B 116 6.34 -12.79 5.14
CA ARG B 116 5.17 -12.41 5.93
C ARG B 116 3.85 -12.52 5.17
N ARG B 117 3.91 -12.80 3.86
CA ARG B 117 2.74 -12.88 2.99
C ARG B 117 1.91 -11.61 3.13
N ILE B 118 2.42 -10.54 2.52
CA ILE B 118 1.99 -9.16 2.71
C ILE B 118 0.52 -8.90 2.33
N ARG B 119 0.05 -7.66 2.56
CA ARG B 119 -1.31 -7.28 2.26
C ARG B 119 -1.30 -6.17 1.20
N VAL B 120 -1.99 -6.37 0.08
CA VAL B 120 -1.99 -5.40 -1.01
C VAL B 120 -3.37 -5.31 -1.65
N ASP B 121 -3.96 -4.11 -1.61
CA ASP B 121 -5.31 -3.85 -2.15
C ASP B 121 -5.66 -2.37 -1.97
N PHE B 122 -6.91 -1.99 -2.29
CA PHE B 122 -7.42 -0.67 -1.96
C PHE B 122 -7.14 -0.36 -0.49
N SER B 123 -6.80 0.91 -0.21
CA SER B 123 -6.35 1.34 1.10
C SER B 123 -7.49 1.48 2.12
N ILE B 124 -8.39 2.44 1.89
CA ILE B 124 -9.52 2.90 2.71
C ILE B 124 -9.43 4.43 2.84
N THR B 125 -8.43 5.05 2.19
CA THR B 125 -8.12 6.47 2.33
C THR B 125 -7.71 7.05 0.98
N LYS B 126 -7.41 8.36 0.96
CA LYS B 126 -7.00 9.06 -0.25
C LYS B 126 -5.87 10.03 0.09
N ARG B 127 -4.63 9.63 -0.22
CA ARG B 127 -3.39 10.35 0.07
C ARG B 127 -3.21 10.68 1.54
N PRO B 128 -1.98 11.08 1.95
CA PRO B 128 -1.64 11.38 3.33
C PRO B 128 -2.55 12.42 3.99
N HIS B 129 -2.51 12.37 5.32
CA HIS B 129 -3.25 13.17 6.29
C HIS B 129 -3.28 14.65 5.95
#